data_5H80
#
_entry.id   5H80
#
_cell.length_a   138.100
_cell.length_b   138.100
_cell.length_c   97.870
_cell.angle_alpha   90.00
_cell.angle_beta   90.00
_cell.angle_gamma   120.00
#
_symmetry.space_group_name_H-M   'P 65'
#
loop_
_entity.id
_entity.type
_entity.pdbx_description
1 polymer Carboxylase
2 non-polymer 1,2-ETHANEDIOL
3 water water
#
_entity_poly.entity_id   1
_entity_poly.type   'polypeptide(L)'
_entity_poly.pdbx_seq_one_letter_code
;MAHHHHHHHHHHKLTSLYKKAGLENLYFQGMTPRVLIANRGEVAVRIERAVSALGWQSVAVYAPDDAGSLHVRRADEAVA
LSGRGAAAYLDGAALLRVAQEHAATHVHPGYGFLSENADFARACAQAGLVFVGPDPDTLDLFGDKSRARGLAQRLGVPVI
PGTDGATTLEEAAAFMQAQGGAPVMLKACSGGGGRGMRVVRQAGDLAAAFEQASREARLAVGQGDLYAERLIERARHIEV
QVAGDGQSVTHLWERDCTVQRRHQKLLEFAPAPHLPQAVRTALIGAALQLAQEVKYRCLGTFEFLVTPGGDFYFIEANPR
LQVEHTVTEEWCGTDLVTAQLRLAAGETLTAVGLATQPADAAPPPGQAVQARVNMETLGADGQVHVGGGQVQTFTPPGGP
GVRVDTFVTTGLTPSPQYDALLAKVVVHRRDAALPGLLRQAATALSEFQIAGVSTNLAFLQALLHHPDVQHYELSTHWLD
ERLPELVTQAAEYD
;
_entity_poly.pdbx_strand_id   A,B
#
# COMPACT_ATOMS: atom_id res chain seq x y z
N THR A 32 3.72 27.10 11.80
CA THR A 32 3.95 25.75 11.15
C THR A 32 5.23 25.12 11.71
N PRO A 33 5.08 23.93 12.29
CA PRO A 33 6.27 23.34 12.87
C PRO A 33 7.40 23.07 11.92
N ARG A 34 8.64 23.10 12.44
CA ARG A 34 9.80 22.75 11.72
C ARG A 34 10.43 21.70 12.54
N VAL A 35 10.37 20.47 12.04
CA VAL A 35 10.70 19.30 12.75
C VAL A 35 12.14 18.81 12.45
N LEU A 36 12.97 18.85 13.47
CA LEU A 36 14.32 18.31 13.31
C LEU A 36 14.28 16.86 13.48
N ILE A 37 14.77 16.12 12.49
CA ILE A 37 14.73 14.63 12.46
C ILE A 37 16.12 14.18 12.96
N ALA A 38 16.23 13.90 14.26
CA ALA A 38 17.49 13.48 14.87
C ALA A 38 17.80 11.95 14.68
N ASN A 39 17.97 11.55 13.43
CA ASN A 39 18.05 10.19 13.05
C ASN A 39 18.45 10.11 11.53
N ARG A 40 18.45 8.91 10.98
CA ARG A 40 18.90 8.70 9.60
C ARG A 40 18.27 7.49 8.97
N GLY A 41 18.48 7.26 7.67
CA GLY A 41 18.15 5.98 7.09
C GLY A 41 16.63 5.90 6.92
N GLU A 42 16.11 4.66 7.00
CA GLU A 42 14.69 4.40 6.64
C GLU A 42 13.71 5.17 7.58
N VAL A 43 14.03 5.30 8.86
CA VAL A 43 13.19 6.08 9.76
C VAL A 43 13.13 7.64 9.51
N ALA A 44 14.23 8.25 9.01
CA ALA A 44 14.30 9.61 8.84
C ALA A 44 13.42 9.79 7.59
N VAL A 45 13.55 8.88 6.68
CA VAL A 45 12.65 8.97 5.44
C VAL A 45 11.12 8.89 5.83
N ARG A 46 10.79 7.90 6.59
CA ARG A 46 9.50 7.72 7.17
C ARG A 46 8.89 9.00 7.81
N ILE A 47 9.68 9.58 8.76
CA ILE A 47 9.35 10.80 9.40
C ILE A 47 9.14 11.96 8.42
N GLU A 48 10.05 12.21 7.47
CA GLU A 48 9.93 13.25 6.43
C GLU A 48 8.62 13.13 5.68
N ARG A 49 8.13 11.89 5.50
CA ARG A 49 6.86 11.63 4.73
C ARG A 49 5.65 11.99 5.63
N ALA A 50 5.67 11.71 6.93
CA ALA A 50 4.52 12.06 7.88
C ALA A 50 4.50 13.67 8.06
N VAL A 51 5.68 14.26 8.17
CA VAL A 51 5.83 15.72 8.27
C VAL A 51 5.20 16.39 7.06
N SER A 52 5.49 15.89 5.91
CA SER A 52 4.94 16.42 4.63
C SER A 52 3.44 16.22 4.59
N ALA A 53 2.97 15.03 4.98
CA ALA A 53 1.50 14.76 5.06
C ALA A 53 0.77 15.80 5.95
N LEU A 54 1.39 16.27 7.04
CA LEU A 54 0.81 17.28 7.89
C LEU A 54 0.89 18.76 7.40
N GLY A 55 1.65 18.99 6.32
CA GLY A 55 1.97 20.31 5.82
C GLY A 55 3.00 21.07 6.66
N TRP A 56 3.80 20.33 7.47
CA TRP A 56 4.88 20.87 8.22
C TRP A 56 6.16 20.77 7.47
N GLN A 57 7.22 21.34 8.06
CA GLN A 57 8.53 21.31 7.46
C GLN A 57 9.50 20.46 8.19
N SER A 58 10.44 19.84 7.43
CA SER A 58 11.44 19.03 8.02
C SER A 58 12.84 19.54 7.82
N VAL A 59 13.65 19.28 8.86
CA VAL A 59 15.08 19.51 8.82
C VAL A 59 15.75 18.16 9.14
N ALA A 60 16.49 17.63 8.19
CA ALA A 60 17.30 16.39 8.35
C ALA A 60 18.73 16.77 8.74
N VAL A 61 19.44 15.78 9.28
CA VAL A 61 20.86 15.92 9.55
C VAL A 61 21.54 14.68 8.91
N TYR A 62 22.76 14.83 8.49
CA TYR A 62 23.53 13.76 7.95
C TYR A 62 25.03 13.86 8.23
N ALA A 63 25.62 12.72 8.40
CA ALA A 63 27.08 12.57 8.43
C ALA A 63 27.56 12.35 7.03
N PRO A 64 28.79 12.81 6.65
CA PRO A 64 29.20 12.56 5.30
C PRO A 64 29.17 11.14 4.67
N ASP A 65 29.46 10.12 5.44
CA ASP A 65 29.38 8.72 5.00
C ASP A 65 27.93 8.22 4.83
N ASP A 66 26.98 9.08 5.13
CA ASP A 66 25.55 8.83 4.99
C ASP A 66 24.98 9.70 3.93
N ALA A 67 25.83 10.45 3.17
CA ALA A 67 25.27 11.50 2.37
C ALA A 67 24.37 11.06 1.17
N GLY A 68 24.46 9.83 0.76
CA GLY A 68 23.68 9.35 -0.43
C GLY A 68 22.30 8.78 -0.01
N SER A 69 22.12 8.67 1.26
CA SER A 69 20.83 8.27 1.88
C SER A 69 19.68 9.13 1.35
N LEU A 70 18.53 8.49 1.11
CA LEU A 70 17.31 9.22 0.72
C LEU A 70 16.82 10.23 1.69
N HIS A 71 17.09 10.03 2.99
CA HIS A 71 16.70 11.04 3.99
C HIS A 71 17.33 12.45 3.81
N VAL A 72 18.47 12.48 3.16
CA VAL A 72 19.12 13.75 2.81
C VAL A 72 18.25 14.59 1.84
N ARG A 73 18.11 14.04 0.64
CA ARG A 73 17.34 14.65 -0.45
C ARG A 73 15.89 14.89 -0.10
N ARG A 74 15.29 13.94 0.65
CA ARG A 74 13.86 14.05 0.97
C ARG A 74 13.48 15.12 1.99
N ALA A 75 14.39 15.55 2.87
CA ALA A 75 14.01 16.63 3.74
C ALA A 75 13.74 17.96 2.98
N ASP A 76 13.08 18.87 3.64
CA ASP A 76 12.90 20.21 3.06
C ASP A 76 14.24 20.90 3.15
N GLU A 77 14.98 20.58 4.19
CA GLU A 77 16.35 21.12 4.25
C GLU A 77 17.18 20.14 5.04
N ALA A 78 18.40 19.87 4.57
CA ALA A 78 19.28 18.96 5.24
C ALA A 78 20.54 19.68 5.66
N VAL A 79 20.96 19.38 6.91
CA VAL A 79 22.06 20.08 7.60
C VAL A 79 23.23 19.11 7.91
N ALA A 80 24.40 19.36 7.34
CA ALA A 80 25.56 18.44 7.57
C ALA A 80 26.04 18.47 9.03
N LEU A 81 26.35 17.31 9.61
CA LEU A 81 26.87 17.21 11.00
C LEU A 81 28.41 17.27 10.83
N SER A 82 29.06 17.91 11.81
CA SER A 82 30.55 17.95 11.86
C SER A 82 31.16 16.73 12.52
N GLY A 83 30.33 15.92 13.18
CA GLY A 83 30.78 14.67 13.72
C GLY A 83 31.04 13.68 12.59
N ARG A 84 31.39 12.46 12.96
CA ARG A 84 31.78 11.48 11.96
C ARG A 84 30.79 10.34 11.77
N GLY A 85 30.63 9.50 12.76
CA GLY A 85 29.96 8.22 12.45
C GLY A 85 28.53 8.20 12.93
N ALA A 86 28.14 7.05 13.43
CA ALA A 86 27.00 6.94 14.34
C ALA A 86 27.10 8.00 15.43
N ALA A 87 28.27 8.11 16.06
CA ALA A 87 28.60 9.25 16.97
C ALA A 87 28.04 10.66 16.61
N ALA A 88 28.08 11.01 15.35
CA ALA A 88 27.63 12.32 14.88
C ALA A 88 26.15 12.51 15.19
N TYR A 89 25.37 11.43 14.99
CA TYR A 89 23.89 11.44 15.27
C TYR A 89 23.53 11.33 16.76
N LEU A 90 24.51 10.97 17.60
CA LEU A 90 24.35 10.85 19.04
C LEU A 90 24.89 12.14 19.76
N ASP A 91 25.43 13.11 19.02
CA ASP A 91 25.92 14.30 19.73
C ASP A 91 24.74 15.23 20.04
N GLY A 92 24.16 15.01 21.20
CA GLY A 92 23.02 15.80 21.63
C GLY A 92 23.21 17.30 21.52
N ALA A 93 24.35 17.85 22.00
CA ALA A 93 24.60 19.31 21.88
C ALA A 93 24.74 19.80 20.46
N ALA A 94 25.33 18.99 19.56
CA ALA A 94 25.35 19.31 18.14
C ALA A 94 23.96 19.45 17.52
N LEU A 95 23.07 18.51 17.87
CA LEU A 95 21.69 18.54 17.37
C LEU A 95 20.95 19.75 17.87
N LEU A 96 21.21 20.14 19.12
CA LEU A 96 20.63 21.35 19.70
C LEU A 96 21.11 22.64 19.02
N ARG A 97 22.35 22.62 18.53
CA ARG A 97 22.86 23.72 17.77
C ARG A 97 22.16 23.82 16.43
N VAL A 98 22.00 22.66 15.77
CA VAL A 98 21.27 22.60 14.48
C VAL A 98 19.88 23.16 14.64
N ALA A 99 19.22 22.78 15.74
CA ALA A 99 17.84 23.14 15.92
C ALA A 99 17.71 24.65 16.09
N GLN A 100 18.61 25.21 16.92
CA GLN A 100 18.65 26.68 17.15
C GLN A 100 18.86 27.48 15.89
N GLU A 101 19.83 27.04 15.10
CA GLU A 101 20.37 27.69 13.94
C GLU A 101 19.39 27.63 12.79
N HIS A 102 18.56 26.59 12.77
CA HIS A 102 17.55 26.44 11.71
C HIS A 102 16.13 26.57 12.15
N ALA A 103 15.91 27.21 13.31
CA ALA A 103 14.60 27.54 13.81
C ALA A 103 13.64 26.31 13.81
N ALA A 104 14.14 25.19 14.26
CA ALA A 104 13.24 24.05 14.59
C ALA A 104 12.39 24.34 15.86
N THR A 105 11.19 23.73 15.90
CA THR A 105 10.22 23.83 16.95
C THR A 105 10.02 22.52 17.66
N HIS A 106 10.37 21.42 16.97
CA HIS A 106 10.09 20.06 17.39
C HIS A 106 11.31 19.23 17.05
N VAL A 107 11.54 18.18 17.82
CA VAL A 107 12.60 17.22 17.61
C VAL A 107 11.98 15.80 17.61
N HIS A 108 11.99 15.18 16.42
CA HIS A 108 11.67 13.72 16.28
C HIS A 108 12.97 12.85 16.34
N PRO A 109 13.10 12.12 17.48
CA PRO A 109 14.28 11.28 17.63
C PRO A 109 14.28 9.89 16.93
N GLY A 110 13.22 9.61 16.14
CA GLY A 110 12.95 8.27 15.63
C GLY A 110 13.06 7.11 16.59
N TYR A 111 13.79 6.05 16.20
CA TYR A 111 14.05 4.99 17.17
C TYR A 111 15.53 4.73 17.08
N GLY A 112 16.04 4.21 18.19
CA GLY A 112 17.46 4.13 18.39
C GLY A 112 17.97 5.51 18.72
N PHE A 113 19.32 5.61 18.59
CA PHE A 113 19.99 6.94 18.78
C PHE A 113 19.51 7.49 20.19
N LEU A 114 18.87 8.66 20.20
CA LEU A 114 18.55 9.39 21.45
C LEU A 114 17.08 9.29 21.80
N SER A 115 16.33 8.37 21.14
CA SER A 115 14.92 8.25 21.48
C SER A 115 14.51 7.82 22.88
N GLU A 116 15.42 7.22 23.66
CA GLU A 116 15.11 6.83 24.96
C GLU A 116 15.89 7.59 25.97
N ASN A 117 16.62 8.62 25.49
CA ASN A 117 17.48 9.44 26.37
C ASN A 117 16.74 10.61 27.04
N ALA A 118 16.44 10.44 28.31
CA ALA A 118 15.64 11.40 29.02
C ALA A 118 16.34 12.83 29.17
N ASP A 119 17.64 12.80 29.38
CA ASP A 119 18.39 14.06 29.47
C ASP A 119 18.26 14.89 28.19
N PHE A 120 18.28 14.15 27.07
CA PHE A 120 18.23 14.79 25.77
C PHE A 120 16.84 15.41 25.64
N ALA A 121 15.79 14.66 25.96
CA ALA A 121 14.43 15.20 25.98
C ALA A 121 14.30 16.48 26.83
N ARG A 122 14.85 16.46 28.05
CA ARG A 122 14.94 17.60 28.95
C ARG A 122 15.60 18.76 28.32
N ALA A 123 16.72 18.53 27.64
CA ALA A 123 17.47 19.58 27.02
C ALA A 123 16.71 20.19 25.83
N CYS A 124 16.02 19.33 25.05
CA CYS A 124 15.07 19.86 24.07
C CYS A 124 14.07 20.87 24.67
N ALA A 125 13.31 20.42 25.70
CA ALA A 125 12.32 21.13 26.47
C ALA A 125 12.92 22.52 26.91
N GLN A 126 14.08 22.41 27.53
CA GLN A 126 14.85 23.64 27.95
C GLN A 126 15.15 24.69 26.84
N ALA A 127 15.47 24.22 25.63
CA ALA A 127 15.76 25.00 24.49
C ALA A 127 14.51 25.46 23.66
N GLY A 128 13.29 25.26 24.17
CA GLY A 128 12.09 25.63 23.44
C GLY A 128 11.75 24.70 22.32
N LEU A 129 12.15 23.43 22.43
CA LEU A 129 11.88 22.43 21.38
C LEU A 129 10.95 21.37 21.95
N VAL A 130 9.90 20.99 21.22
CA VAL A 130 9.09 19.85 21.68
C VAL A 130 9.69 18.51 21.19
N PHE A 131 10.11 17.66 22.12
CA PHE A 131 10.50 16.29 21.88
C PHE A 131 9.29 15.44 21.54
N VAL A 132 9.42 14.74 20.39
CA VAL A 132 8.35 13.85 19.90
C VAL A 132 8.44 12.51 20.63
N GLY A 133 7.78 12.45 21.81
CA GLY A 133 7.86 11.34 22.75
C GLY A 133 7.19 11.70 24.09
N PRO A 134 7.05 10.72 25.01
CA PRO A 134 6.47 10.94 26.33
C PRO A 134 7.45 11.83 27.12
N ASP A 135 6.93 12.21 28.33
CA ASP A 135 7.67 13.15 29.23
C ASP A 135 8.93 12.47 29.68
N PRO A 136 10.03 13.21 29.85
CA PRO A 136 11.28 12.66 30.37
C PRO A 136 11.23 11.73 31.62
N ASP A 137 10.39 12.04 32.59
CA ASP A 137 10.17 11.20 33.80
C ASP A 137 9.68 9.80 33.40
N THR A 138 8.85 9.74 32.36
CA THR A 138 8.38 8.45 31.80
C THR A 138 9.51 7.76 31.08
N LEU A 139 10.38 8.50 30.32
CA LEU A 139 11.56 7.94 29.69
C LEU A 139 12.50 7.30 30.76
N ASP A 140 12.61 8.01 31.86
CA ASP A 140 13.52 7.55 32.96
C ASP A 140 12.98 6.27 33.56
N LEU A 141 11.70 6.27 33.81
CA LEU A 141 11.01 5.10 34.30
C LEU A 141 11.09 3.87 33.37
N PHE A 142 10.65 3.99 32.10
CA PHE A 142 10.63 2.83 31.26
C PHE A 142 11.99 2.41 30.82
N GLY A 143 13.02 3.26 31.02
CA GLY A 143 14.36 2.90 30.77
C GLY A 143 15.07 2.24 31.95
N ASP A 144 14.37 2.11 33.05
CA ASP A 144 14.98 1.48 34.24
C ASP A 144 14.30 0.15 34.55
N LYS A 145 15.12 -0.90 34.38
CA LYS A 145 14.62 -2.28 34.58
C LYS A 145 13.92 -2.36 35.89
N SER A 146 14.59 -1.96 36.96
CA SER A 146 13.98 -2.02 38.27
C SER A 146 12.72 -1.17 38.52
N ARG A 147 12.67 0.09 38.10
CA ARG A 147 11.43 0.88 38.24
C ARG A 147 10.21 0.35 37.34
N ALA A 148 10.51 -0.04 36.12
CA ALA A 148 9.45 -0.61 35.23
C ALA A 148 8.83 -1.95 35.77
N ARG A 149 9.69 -2.75 36.39
CA ARG A 149 9.28 -3.97 37.07
C ARG A 149 8.41 -3.70 38.25
N GLY A 150 8.82 -2.78 39.12
CA GLY A 150 8.05 -2.45 40.26
C GLY A 150 6.69 -1.91 39.96
N LEU A 151 6.63 -1.04 38.95
CA LEU A 151 5.36 -0.56 38.37
C LEU A 151 4.50 -1.72 37.87
N ALA A 152 5.09 -2.64 37.14
CA ALA A 152 4.33 -3.81 36.68
C ALA A 152 3.74 -4.57 37.90
N GLN A 153 4.61 -4.87 38.86
CA GLN A 153 4.23 -5.60 40.06
C GLN A 153 3.12 -4.94 40.84
N ARG A 154 3.15 -3.61 41.03
CA ARG A 154 2.10 -2.86 41.73
C ARG A 154 0.73 -2.85 41.02
N LEU A 155 0.76 -2.93 39.71
CA LEU A 155 -0.45 -3.11 38.90
C LEU A 155 -0.94 -4.52 38.67
N GLY A 156 -0.30 -5.54 39.24
CA GLY A 156 -0.74 -6.92 38.99
C GLY A 156 -0.29 -7.57 37.67
N VAL A 157 0.63 -6.90 36.93
CA VAL A 157 1.10 -7.35 35.64
C VAL A 157 2.29 -8.27 35.91
N PRO A 158 2.23 -9.56 35.43
CA PRO A 158 3.30 -10.50 35.69
C PRO A 158 4.57 -10.14 35.03
N VAL A 159 5.65 -10.33 35.81
CA VAL A 159 7.02 -10.26 35.32
C VAL A 159 7.82 -11.55 35.54
N ILE A 160 8.88 -11.69 34.81
CA ILE A 160 9.70 -12.84 34.80
C ILE A 160 10.35 -12.98 36.19
N PRO A 161 10.45 -14.22 36.70
CA PRO A 161 11.16 -14.35 37.98
C PRO A 161 12.63 -14.03 37.82
N GLY A 162 13.16 -13.30 38.79
CA GLY A 162 14.50 -12.75 38.60
C GLY A 162 15.03 -12.13 39.88
N THR A 163 16.31 -11.73 39.84
CA THR A 163 16.93 -10.87 40.85
C THR A 163 16.71 -9.42 40.42
N ASP A 164 16.01 -8.65 41.24
CA ASP A 164 15.58 -7.26 40.88
C ASP A 164 16.71 -6.25 40.64
N GLY A 165 17.72 -6.30 41.49
CA GLY A 165 18.85 -5.43 41.34
C GLY A 165 20.15 -6.12 41.58
N ALA A 166 21.21 -5.40 41.25
CA ALA A 166 22.58 -5.71 41.61
C ALA A 166 22.75 -7.15 41.24
N THR A 167 23.14 -7.98 42.22
CA THR A 167 23.01 -9.42 42.15
C THR A 167 23.87 -10.02 43.30
N THR A 168 23.22 -10.50 44.34
CA THR A 168 23.90 -11.04 45.54
C THR A 168 25.02 -12.10 45.17
N LEU A 169 24.79 -12.87 44.10
CA LEU A 169 25.83 -13.48 43.19
C LEU A 169 26.56 -14.76 43.53
N GLU A 170 26.90 -14.95 44.79
CA GLU A 170 27.23 -16.29 45.21
C GLU A 170 25.88 -16.94 45.16
N GLU A 171 24.82 -16.20 45.51
CA GLU A 171 23.50 -16.79 45.54
C GLU A 171 22.83 -16.95 44.16
N ALA A 172 23.18 -16.20 43.10
CA ALA A 172 22.66 -16.54 41.74
C ALA A 172 22.33 -18.05 41.72
N ALA A 173 23.21 -18.86 42.31
CA ALA A 173 22.92 -20.24 42.72
C ALA A 173 21.62 -20.48 43.55
N ALA A 174 21.31 -19.63 44.52
CA ALA A 174 20.12 -19.76 45.35
C ALA A 174 18.80 -19.54 44.61
N PHE A 175 18.75 -18.48 43.80
CA PHE A 175 17.63 -18.30 42.90
C PHE A 175 17.57 -19.43 41.88
N MET A 176 18.72 -19.81 41.32
CA MET A 176 18.86 -20.97 40.41
C MET A 176 18.44 -22.30 41.03
N GLN A 177 18.83 -22.50 42.29
CA GLN A 177 18.30 -23.60 43.06
C GLN A 177 16.79 -23.42 43.22
N ALA A 178 16.29 -22.20 43.43
CA ALA A 178 14.83 -22.02 43.52
C ALA A 178 14.09 -22.22 42.17
N GLN A 179 14.79 -22.13 41.05
CA GLN A 179 14.17 -22.55 39.74
C GLN A 179 14.12 -24.09 39.48
N GLY A 180 14.55 -24.92 40.42
CA GLY A 180 14.21 -26.34 40.34
C GLY A 180 14.80 -27.17 39.23
N GLY A 181 15.92 -26.76 38.67
CA GLY A 181 16.50 -27.43 37.55
C GLY A 181 16.24 -26.68 36.24
N ALA A 182 15.32 -25.73 36.26
CA ALA A 182 15.08 -24.92 35.08
C ALA A 182 16.26 -23.98 34.81
N PRO A 183 16.60 -23.68 33.55
CA PRO A 183 17.71 -22.79 33.19
C PRO A 183 17.44 -21.31 33.50
N VAL A 184 18.54 -20.58 33.50
CA VAL A 184 18.57 -19.22 33.93
C VAL A 184 19.51 -18.46 32.97
N MET A 185 19.25 -17.16 32.80
CA MET A 185 20.06 -16.34 31.93
C MET A 185 20.81 -15.40 32.86
N LEU A 186 22.10 -15.20 32.59
CA LEU A 186 22.82 -14.01 33.13
C LEU A 186 22.78 -12.87 32.14
N ARG A 198 24.98 -14.89 30.07
CA ARG A 198 24.99 -16.22 29.43
C ARG A 198 23.94 -17.15 30.05
N VAL A 199 23.63 -18.22 29.31
CA VAL A 199 22.68 -19.29 29.70
C VAL A 199 23.39 -20.31 30.61
N VAL A 200 22.91 -20.47 31.83
CA VAL A 200 23.41 -21.45 32.81
C VAL A 200 22.32 -22.52 32.94
N ARG A 201 22.68 -23.74 32.59
CA ARG A 201 21.75 -24.87 32.66
C ARG A 201 21.90 -25.76 33.90
N GLN A 202 23.08 -25.81 34.53
CA GLN A 202 23.39 -26.71 35.66
C GLN A 202 23.94 -25.95 36.84
N ALA A 203 23.53 -26.28 38.06
CA ALA A 203 24.06 -25.56 39.27
C ALA A 203 25.61 -25.61 39.34
N GLY A 204 26.20 -26.69 38.84
CA GLY A 204 27.66 -26.83 38.71
C GLY A 204 28.35 -25.83 37.77
N ASP A 205 27.71 -25.54 36.64
CA ASP A 205 28.29 -24.67 35.58
C ASP A 205 28.25 -23.17 35.95
N LEU A 206 27.69 -22.81 37.10
CA LEU A 206 27.38 -21.39 37.36
C LEU A 206 28.62 -20.49 37.52
N ALA A 207 29.50 -20.81 38.48
CA ALA A 207 30.66 -19.96 38.82
C ALA A 207 31.52 -19.61 37.60
N ALA A 208 31.79 -20.60 36.74
CA ALA A 208 32.57 -20.40 35.50
C ALA A 208 31.88 -19.60 34.39
N ALA A 209 30.58 -19.86 34.15
CA ALA A 209 29.80 -19.13 33.13
C ALA A 209 29.67 -17.63 33.48
N PHE A 210 29.32 -17.42 34.75
CA PHE A 210 29.22 -16.12 35.42
C PHE A 210 30.47 -15.27 35.20
N GLU A 211 31.64 -15.87 35.47
CA GLU A 211 32.92 -15.17 35.35
C GLU A 211 33.05 -14.50 34.00
N GLN A 212 32.77 -15.22 32.91
CA GLN A 212 32.82 -14.66 31.56
C GLN A 212 32.22 -13.23 31.44
N ALA A 213 31.18 -12.95 32.25
CA ALA A 213 30.75 -11.56 32.49
C ALA A 213 29.86 -11.45 33.76
N TYR A 227 21.72 -11.47 34.84
CA TYR A 227 21.71 -11.11 36.30
C TYR A 227 20.68 -11.94 37.07
N ALA A 228 20.66 -13.24 36.75
CA ALA A 228 19.65 -14.19 37.25
C ALA A 228 18.24 -13.80 36.83
N GLU A 229 17.90 -14.27 35.63
CA GLU A 229 16.51 -14.36 35.24
C GLU A 229 16.15 -15.77 34.87
N ARG A 230 14.96 -16.23 35.24
CA ARG A 230 14.43 -17.52 34.66
C ARG A 230 14.46 -17.45 33.12
N LEU A 231 15.04 -18.46 32.45
CA LEU A 231 15.03 -18.51 30.97
C LEU A 231 13.58 -18.92 30.62
N ILE A 232 12.86 -18.05 29.89
CA ILE A 232 11.48 -18.37 29.46
C ILE A 232 11.59 -19.01 28.09
N GLU A 233 11.09 -20.24 28.11
CA GLU A 233 11.27 -21.16 27.03
C GLU A 233 9.85 -21.41 26.38
N ARG A 234 9.91 -21.82 25.13
CA ARG A 234 8.73 -22.07 24.40
C ARG A 234 7.71 -20.96 24.40
N ALA A 235 8.17 -19.75 24.42
CA ALA A 235 7.30 -18.59 24.29
C ALA A 235 7.39 -17.78 22.98
N ARG A 236 6.27 -17.16 22.68
CA ARG A 236 6.14 -16.12 21.70
C ARG A 236 6.33 -14.67 22.24
N HIS A 237 6.85 -13.80 21.36
CA HIS A 237 7.08 -12.42 21.64
C HIS A 237 5.88 -11.74 21.08
N ILE A 238 5.05 -11.25 21.95
CA ILE A 238 3.81 -10.49 21.57
C ILE A 238 3.76 -9.12 22.25
N GLU A 239 3.57 -8.05 21.46
CA GLU A 239 3.76 -6.68 21.95
C GLU A 239 2.51 -5.93 21.59
N VAL A 240 2.22 -4.96 22.38
CA VAL A 240 0.99 -4.16 22.19
C VAL A 240 1.31 -2.74 21.86
N GLN A 241 0.74 -2.19 20.76
CA GLN A 241 0.89 -0.79 20.41
C GLN A 241 -0.09 0.07 21.17
N VAL A 242 0.48 0.99 21.96
CA VAL A 242 -0.20 2.05 22.62
C VAL A 242 -0.03 3.44 22.08
N ALA A 243 -1.06 4.21 22.30
CA ALA A 243 -1.07 5.63 22.10
C ALA A 243 -1.78 6.30 23.23
N GLY A 244 -1.37 7.52 23.48
CA GLY A 244 -1.99 8.43 24.47
C GLY A 244 -1.88 9.88 24.23
N ASP A 245 -2.76 10.64 24.88
CA ASP A 245 -2.72 12.11 24.71
C ASP A 245 -2.42 12.81 26.03
N GLY A 246 -1.96 12.01 26.99
CA GLY A 246 -1.81 12.53 28.37
C GLY A 246 -3.02 12.54 29.29
N GLN A 247 -4.24 12.36 28.78
CA GLN A 247 -5.46 12.23 29.57
C GLN A 247 -6.04 10.88 29.47
N SER A 248 -5.94 10.28 28.28
CA SER A 248 -6.46 9.00 27.89
C SER A 248 -5.44 8.18 27.15
N VAL A 249 -5.71 6.87 27.10
CA VAL A 249 -4.89 5.96 26.45
C VAL A 249 -5.82 5.06 25.56
N THR A 250 -5.20 4.57 24.49
CA THR A 250 -5.78 3.60 23.60
C THR A 250 -4.72 2.68 23.02
N HIS A 251 -5.14 1.81 22.10
CA HIS A 251 -4.34 0.75 21.58
C HIS A 251 -4.67 0.53 20.09
N LEU A 252 -3.69 0.02 19.40
CA LEU A 252 -3.81 -0.55 18.00
C LEU A 252 -3.54 -2.08 18.01
N TRP A 253 -4.01 -2.81 19.05
CA TRP A 253 -3.88 -4.24 19.16
C TRP A 253 -2.40 -4.67 19.21
N GLU A 254 -2.09 -5.83 18.68
CA GLU A 254 -0.84 -6.48 18.87
C GLU A 254 -0.01 -6.72 17.65
N ARG A 255 1.24 -7.13 17.89
CA ARG A 255 2.16 -7.65 16.85
C ARG A 255 2.95 -8.78 17.44
N ASP A 256 3.31 -9.76 16.58
CA ASP A 256 4.08 -10.91 17.00
C ASP A 256 5.38 -10.88 16.25
N CYS A 257 6.42 -10.85 17.04
CA CYS A 257 7.78 -10.72 16.52
C CYS A 257 8.65 -11.92 17.02
N THR A 258 8.07 -13.09 17.03
CA THR A 258 8.74 -14.29 17.58
C THR A 258 9.97 -14.78 16.84
N VAL A 259 9.96 -14.70 15.52
CA VAL A 259 11.06 -15.16 14.66
C VAL A 259 12.23 -14.11 14.76
N GLN A 260 13.24 -14.51 15.57
CA GLN A 260 14.42 -13.66 15.90
C GLN A 260 15.68 -14.44 15.70
N ARG A 261 16.75 -13.78 15.34
CA ARG A 261 18.09 -14.42 15.10
C ARG A 261 18.94 -13.78 16.15
N ARG A 262 19.41 -14.55 17.14
CA ARG A 262 20.10 -13.93 18.31
C ARG A 262 19.46 -12.63 18.78
N HIS A 263 18.15 -12.67 19.03
CA HIS A 263 17.41 -11.53 19.59
C HIS A 263 17.17 -10.33 18.63
N GLN A 264 17.58 -10.43 17.37
CA GLN A 264 17.18 -9.48 16.30
C GLN A 264 15.90 -9.98 15.55
N LYS A 265 14.86 -9.18 15.53
CA LYS A 265 13.62 -9.52 14.90
C LYS A 265 13.75 -9.55 13.36
N LEU A 266 13.21 -10.55 12.68
CA LEU A 266 13.28 -10.68 11.25
C LEU A 266 11.90 -10.61 10.61
N LEU A 267 10.91 -11.28 11.19
CA LEU A 267 9.53 -11.33 10.63
C LEU A 267 8.54 -10.86 11.69
N GLU A 268 7.73 -9.88 11.38
CA GLU A 268 6.85 -9.32 12.42
C GLU A 268 5.45 -9.37 11.83
N PHE A 269 4.50 -9.92 12.59
CA PHE A 269 3.12 -10.18 12.13
C PHE A 269 2.06 -9.30 12.88
N ALA A 270 1.01 -8.76 12.20
CA ALA A 270 -0.08 -8.04 12.90
C ALA A 270 -1.33 -8.57 12.08
N PRO A 271 -2.24 -9.30 12.72
CA PRO A 271 -2.25 -9.74 14.09
C PRO A 271 -1.24 -10.79 14.41
N ALA A 272 -1.13 -11.06 15.70
CA ALA A 272 -0.51 -12.29 16.12
C ALA A 272 -1.28 -13.56 15.64
N PRO A 273 -0.66 -14.42 14.83
CA PRO A 273 -1.44 -15.61 14.31
C PRO A 273 -1.87 -16.57 15.36
N HIS A 274 -3.12 -17.07 15.29
CA HIS A 274 -3.56 -18.19 16.14
C HIS A 274 -3.54 -17.80 17.62
N LEU A 275 -3.89 -16.55 17.92
CA LEU A 275 -3.97 -16.03 19.26
C LEU A 275 -5.38 -15.99 19.79
N PRO A 276 -5.66 -16.72 20.87
CA PRO A 276 -7.03 -16.66 21.36
C PRO A 276 -7.40 -15.27 21.93
N GLN A 277 -8.60 -14.82 21.65
CA GLN A 277 -9.05 -13.52 22.10
C GLN A 277 -8.87 -13.23 23.59
N ALA A 278 -9.14 -14.21 24.42
CA ALA A 278 -8.98 -14.07 25.88
C ALA A 278 -7.50 -13.65 26.14
N VAL A 279 -6.51 -14.13 25.37
CA VAL A 279 -5.08 -13.81 25.65
C VAL A 279 -4.86 -12.40 25.13
N ARG A 280 -5.32 -12.16 23.88
CA ARG A 280 -5.33 -10.79 23.36
C ARG A 280 -5.86 -9.77 24.34
N THR A 281 -7.06 -9.97 24.94
CA THR A 281 -7.67 -8.96 25.70
C THR A 281 -6.84 -8.82 26.98
N ALA A 282 -6.30 -9.92 27.45
CA ALA A 282 -5.40 -9.76 28.64
C ALA A 282 -4.11 -8.97 28.44
N LEU A 283 -3.46 -9.27 27.34
CA LEU A 283 -2.27 -8.51 26.95
C LEU A 283 -2.53 -7.05 26.77
N ILE A 284 -3.60 -6.69 26.07
CA ILE A 284 -3.92 -5.29 25.87
C ILE A 284 -4.31 -4.56 27.14
N GLY A 285 -5.01 -5.27 28.03
CA GLY A 285 -5.41 -4.72 29.32
C GLY A 285 -4.17 -4.36 30.15
N ALA A 286 -3.23 -5.30 30.25
CA ALA A 286 -1.92 -5.04 30.91
C ALA A 286 -1.21 -3.81 30.36
N ALA A 287 -1.11 -3.72 28.98
CA ALA A 287 -0.50 -2.61 28.38
C ALA A 287 -1.22 -1.26 28.66
N LEU A 288 -2.55 -1.25 28.57
CA LEU A 288 -3.34 -0.11 28.92
C LEU A 288 -3.21 0.39 30.39
N GLN A 289 -3.09 -0.52 31.35
CA GLN A 289 -2.81 -0.23 32.81
C GLN A 289 -1.45 0.44 33.01
N LEU A 290 -0.40 -0.08 32.38
CA LEU A 290 0.92 0.53 32.41
C LEU A 290 0.89 1.94 31.87
N ALA A 291 0.23 2.11 30.70
CA ALA A 291 0.26 3.41 30.02
C ALA A 291 -0.55 4.47 30.80
N GLN A 292 -1.71 4.04 31.23
CA GLN A 292 -2.68 4.89 32.00
C GLN A 292 -2.00 5.36 33.31
N GLU A 293 -1.27 4.47 33.95
CA GLU A 293 -0.62 4.81 35.25
C GLU A 293 0.37 5.95 35.12
N VAL A 294 1.12 6.01 34.00
CA VAL A 294 1.99 7.21 33.69
C VAL A 294 1.37 8.36 32.87
N LYS A 295 0.07 8.31 32.58
CA LYS A 295 -0.56 9.37 31.77
C LYS A 295 0.16 9.53 30.44
N TYR A 296 0.30 8.39 29.75
CA TYR A 296 1.20 8.37 28.60
C TYR A 296 0.75 9.32 27.52
N ARG A 297 1.75 9.98 26.90
CA ARG A 297 1.57 10.82 25.73
C ARG A 297 2.52 10.37 24.63
N CYS A 298 1.92 10.27 23.42
CA CYS A 298 2.53 9.88 22.11
C CYS A 298 2.44 8.36 22.00
N LEU A 299 3.40 7.70 21.37
CA LEU A 299 3.40 6.28 21.15
C LEU A 299 4.31 5.50 22.07
N GLY A 300 3.97 4.23 22.34
CA GLY A 300 4.84 3.36 23.08
C GLY A 300 4.42 1.93 22.85
N THR A 301 5.30 0.97 23.05
CA THR A 301 4.98 -0.42 22.85
C THR A 301 5.30 -1.14 24.21
N PHE A 302 4.45 -2.08 24.61
CA PHE A 302 4.65 -2.93 25.74
C PHE A 302 4.83 -4.36 25.20
N GLU A 303 5.99 -4.91 25.49
CA GLU A 303 6.51 -6.23 25.00
C GLU A 303 6.22 -7.34 26.08
N PHE A 304 5.77 -8.48 25.60
CA PHE A 304 5.53 -9.64 26.48
C PHE A 304 6.06 -10.92 25.85
N LEU A 305 6.42 -11.86 26.72
CA LEU A 305 6.59 -13.26 26.36
C LEU A 305 5.33 -14.00 26.82
N VAL A 306 4.80 -14.84 25.92
CA VAL A 306 3.60 -15.52 26.11
C VAL A 306 3.74 -17.04 25.85
N THR A 307 3.32 -17.87 26.86
CA THR A 307 3.56 -19.27 26.88
C THR A 307 2.38 -19.85 25.99
N PRO A 308 2.51 -21.14 25.62
CA PRO A 308 1.52 -21.74 24.70
C PRO A 308 0.12 -21.70 25.24
N GLY A 309 -0.07 -21.77 26.57
CA GLY A 309 -1.35 -21.75 27.24
C GLY A 309 -1.85 -20.36 27.60
N GLY A 310 -1.04 -19.34 27.30
CA GLY A 310 -1.46 -17.95 27.39
C GLY A 310 -1.09 -17.26 28.72
N ASP A 311 -0.25 -17.86 29.54
CA ASP A 311 0.48 -17.07 30.51
C ASP A 311 1.33 -16.01 29.82
N PHE A 312 1.42 -14.86 30.45
CA PHE A 312 2.31 -13.76 29.85
C PHE A 312 3.21 -13.09 30.92
N TYR A 313 4.30 -12.53 30.45
CA TYR A 313 5.32 -11.84 31.31
C TYR A 313 5.67 -10.54 30.58
N PHE A 314 5.48 -9.44 31.26
CA PHE A 314 5.99 -8.10 30.80
C PHE A 314 7.50 -8.10 30.77
N ILE A 315 8.11 -7.78 29.64
CA ILE A 315 9.54 -7.77 29.44
C ILE A 315 10.10 -6.38 29.17
N GLU A 316 9.36 -5.49 28.48
CA GLU A 316 9.97 -4.19 28.08
C GLU A 316 8.89 -3.25 27.70
N ALA A 317 9.09 -1.99 28.09
CA ALA A 317 8.26 -0.88 27.65
C ALA A 317 9.15 0.00 26.77
N ASN A 318 8.85 0.08 25.47
CA ASN A 318 9.65 0.91 24.57
C ASN A 318 8.90 2.20 24.34
N PRO A 319 9.38 3.28 24.94
CA PRO A 319 8.61 4.51 24.98
C PRO A 319 8.80 5.39 23.71
N ARG A 320 8.56 4.81 22.55
CA ARG A 320 8.93 5.41 21.26
C ARG A 320 8.20 4.70 20.16
N LEU A 321 8.33 5.24 18.95
CA LEU A 321 8.08 4.54 17.70
C LEU A 321 8.93 3.30 17.63
N GLN A 322 8.41 2.24 17.03
CA GLN A 322 9.28 1.10 16.65
C GLN A 322 9.37 0.77 15.18
N VAL A 323 10.39 -0.01 14.84
CA VAL A 323 10.69 -0.37 13.48
C VAL A 323 9.45 -1.06 12.85
N GLU A 324 8.81 -1.98 13.59
CA GLU A 324 7.68 -2.72 13.13
C GLU A 324 6.32 -1.97 13.17
N HIS A 325 6.29 -0.62 13.40
CA HIS A 325 5.06 0.13 13.53
C HIS A 325 4.37 -0.03 12.13
N THR A 326 5.21 -0.23 11.11
CA THR A 326 4.63 -0.40 9.72
C THR A 326 3.52 -1.50 9.57
N VAL A 327 3.70 -2.66 10.16
N VAL A 327 3.72 -2.64 10.19
CA VAL A 327 2.69 -3.76 10.02
CA VAL A 327 2.79 -3.79 10.06
C VAL A 327 1.32 -3.45 10.62
C VAL A 327 1.39 -3.50 10.63
N THR A 328 1.30 -2.75 11.75
CA THR A 328 0.13 -2.31 12.37
C THR A 328 -0.54 -1.29 11.51
N GLU A 329 0.26 -0.37 10.96
CA GLU A 329 -0.29 0.64 10.00
C GLU A 329 -1.06 -0.06 8.89
N GLU A 330 -0.50 -1.03 8.23
CA GLU A 330 -1.17 -1.61 7.05
C GLU A 330 -2.35 -2.52 7.47
N TRP A 331 -2.18 -3.34 8.51
CA TRP A 331 -3.29 -4.09 9.08
C TRP A 331 -4.47 -3.19 9.48
N CYS A 332 -4.24 -2.13 10.28
CA CYS A 332 -5.27 -1.31 10.92
C CYS A 332 -5.77 -0.21 9.96
N GLY A 333 -5.01 0.14 8.91
CA GLY A 333 -5.27 1.31 8.07
C GLY A 333 -5.19 2.59 8.84
N THR A 334 -3.98 2.85 9.41
CA THR A 334 -3.80 4.00 10.23
C THR A 334 -2.36 4.47 9.93
N ASP A 335 -2.16 5.76 10.00
CA ASP A 335 -0.81 6.38 9.98
C ASP A 335 -0.35 6.72 11.45
N LEU A 336 0.44 5.84 11.99
CA LEU A 336 1.01 6.05 13.35
C LEU A 336 1.91 7.23 13.47
N VAL A 337 2.66 7.58 12.41
CA VAL A 337 3.69 8.65 12.64
C VAL A 337 3.05 10.04 12.58
N THR A 338 2.11 10.30 11.61
CA THR A 338 1.37 11.60 11.70
C THR A 338 0.63 11.74 13.05
N ALA A 339 0.03 10.63 13.57
CA ALA A 339 -0.66 10.58 14.90
C ALA A 339 0.36 10.95 16.03
N GLN A 340 1.50 10.32 15.95
CA GLN A 340 2.58 10.55 16.91
C GLN A 340 3.01 12.05 16.98
N LEU A 341 3.23 12.66 15.84
CA LEU A 341 3.58 14.06 15.68
C LEU A 341 2.50 14.99 16.23
N ARG A 342 1.24 14.73 15.90
CA ARG A 342 0.12 15.50 16.36
C ARG A 342 -0.11 15.35 17.87
N LEU A 343 0.04 14.15 18.40
CA LEU A 343 0.00 13.92 19.83
C LEU A 343 1.09 14.74 20.53
N ALA A 344 2.34 14.66 20.06
CA ALA A 344 3.41 15.53 20.57
C ALA A 344 3.10 17.03 20.59
N ALA A 345 2.32 17.52 19.60
CA ALA A 345 2.01 18.91 19.43
C ALA A 345 0.74 19.33 20.21
N GLY A 346 0.11 18.40 20.97
CA GLY A 346 -0.93 18.73 21.94
C GLY A 346 -2.33 18.42 21.50
N GLU A 347 -2.54 17.66 20.41
CA GLU A 347 -3.85 17.24 20.17
C GLU A 347 -4.30 15.97 20.94
N THR A 348 -5.60 15.81 21.06
CA THR A 348 -6.24 14.59 21.67
C THR A 348 -6.21 13.33 20.75
N LEU A 349 -6.39 12.18 21.31
CA LEU A 349 -6.51 10.93 20.48
C LEU A 349 -7.64 11.08 19.50
N THR A 350 -8.75 11.61 19.95
CA THR A 350 -9.87 11.79 19.03
C THR A 350 -9.49 12.75 17.84
N ALA A 351 -8.87 13.87 18.08
CA ALA A 351 -8.44 14.87 17.06
C ALA A 351 -7.42 14.27 16.05
N VAL A 352 -6.54 13.38 16.55
CA VAL A 352 -5.54 12.76 15.72
C VAL A 352 -6.11 11.55 14.90
N GLY A 353 -7.34 11.21 15.16
CA GLY A 353 -8.08 10.08 14.49
C GLY A 353 -7.87 8.71 14.99
N LEU A 354 -7.48 8.58 16.25
CA LEU A 354 -7.34 7.27 16.89
C LEU A 354 -8.50 7.05 17.77
N ALA A 355 -9.19 5.94 17.56
CA ALA A 355 -10.30 5.61 18.44
C ALA A 355 -9.84 5.23 19.87
N THR A 356 -10.54 5.74 20.88
CA THR A 356 -10.25 5.38 22.27
C THR A 356 -11.10 4.16 22.49
N GLN A 357 -10.42 3.02 22.67
CA GLN A 357 -11.11 1.73 22.66
C GLN A 357 -10.68 0.78 23.72
N PRO A 358 -11.64 -0.12 24.13
CA PRO A 358 -11.30 -1.04 25.20
C PRO A 358 -10.40 -2.19 24.75
N ALA A 359 -9.74 -2.78 25.71
CA ALA A 359 -8.86 -3.88 25.51
C ALA A 359 -9.45 -5.00 24.67
N ASP A 360 -10.79 -5.27 24.80
CA ASP A 360 -11.43 -6.39 24.06
C ASP A 360 -12.05 -5.95 22.76
N ALA A 361 -11.61 -4.83 22.24
CA ALA A 361 -12.20 -4.30 20.98
C ALA A 361 -11.95 -5.31 19.90
N ALA A 362 -12.95 -5.52 19.06
CA ALA A 362 -12.79 -6.55 18.05
C ALA A 362 -11.62 -6.17 17.10
N PRO A 363 -10.69 -7.08 16.87
CA PRO A 363 -9.57 -6.68 15.96
C PRO A 363 -10.00 -6.53 14.49
N PRO A 364 -9.30 -5.69 13.69
CA PRO A 364 -9.53 -5.54 12.27
C PRO A 364 -9.41 -6.93 11.55
N PRO A 365 -10.19 -7.14 10.47
CA PRO A 365 -9.93 -8.27 9.60
C PRO A 365 -8.63 -8.09 8.80
N GLY A 366 -8.23 -9.14 8.11
CA GLY A 366 -7.02 -9.15 7.31
C GLY A 366 -5.78 -9.36 8.23
N GLN A 367 -4.64 -9.17 7.61
CA GLN A 367 -3.41 -9.69 8.25
C GLN A 367 -2.31 -9.04 7.51
N ALA A 368 -1.20 -8.86 8.20
CA ALA A 368 0.00 -8.32 7.49
C ALA A 368 1.30 -8.84 8.15
N VAL A 369 2.34 -8.86 7.39
CA VAL A 369 3.67 -9.23 7.88
C VAL A 369 4.73 -8.24 7.28
N GLN A 370 5.75 -7.96 8.08
CA GLN A 370 6.92 -7.24 7.67
C GLN A 370 8.12 -8.12 7.68
N ALA A 371 8.91 -8.07 6.63
CA ALA A 371 10.20 -8.76 6.66
C ALA A 371 11.33 -7.66 6.60
N ARG A 372 12.36 -7.79 7.49
CA ARG A 372 13.51 -6.90 7.39
C ARG A 372 14.58 -7.46 6.38
N VAL A 373 14.77 -6.74 5.30
CA VAL A 373 15.85 -7.00 4.31
C VAL A 373 17.16 -6.40 4.73
N ASN A 374 18.11 -7.28 5.07
CA ASN A 374 19.40 -6.85 5.61
C ASN A 374 20.58 -7.16 4.64
N MET A 375 21.62 -6.35 4.73
CA MET A 375 22.92 -6.60 4.08
C MET A 375 23.62 -7.53 5.05
N GLU A 376 23.76 -8.80 4.67
CA GLU A 376 24.38 -9.87 5.49
C GLU A 376 23.99 -11.22 4.93
N VAL A 386 27.55 -7.18 7.92
CA VAL A 386 28.58 -8.01 7.27
C VAL A 386 28.81 -7.58 5.82
N GLY A 387 30.03 -7.74 5.34
CA GLY A 387 30.37 -7.50 3.93
C GLY A 387 30.42 -6.02 3.54
N GLY A 388 30.53 -5.77 2.22
CA GLY A 388 30.54 -4.43 1.67
C GLY A 388 30.09 -4.41 0.23
N GLY A 389 30.31 -3.25 -0.40
CA GLY A 389 29.96 -3.08 -1.78
C GLY A 389 29.09 -1.90 -1.94
N GLN A 390 28.95 -1.50 -3.19
CA GLN A 390 28.09 -0.38 -3.58
C GLN A 390 26.89 -1.03 -4.23
N VAL A 391 25.71 -0.51 -3.92
CA VAL A 391 24.50 -1.00 -4.47
C VAL A 391 24.32 -0.69 -5.92
N GLN A 392 24.27 -1.74 -6.76
CA GLN A 392 24.23 -1.57 -8.21
C GLN A 392 22.91 -1.65 -8.90
N THR A 393 22.06 -2.50 -8.36
CA THR A 393 20.72 -2.69 -8.82
C THR A 393 19.93 -2.80 -7.51
N PHE A 394 18.84 -2.07 -7.52
CA PHE A 394 17.96 -2.02 -6.35
C PHE A 394 16.56 -1.66 -6.80
N THR A 395 15.65 -2.64 -6.85
CA THR A 395 14.31 -2.48 -7.44
C THR A 395 13.41 -3.29 -6.50
N PRO A 396 12.91 -2.59 -5.48
CA PRO A 396 12.06 -3.30 -4.48
C PRO A 396 10.73 -3.73 -5.12
N PRO A 397 10.06 -4.74 -4.52
CA PRO A 397 8.76 -5.17 -4.93
C PRO A 397 7.73 -4.10 -4.83
N GLY A 398 6.68 -4.14 -5.66
CA GLY A 398 5.54 -3.27 -5.48
C GLY A 398 4.24 -3.95 -5.91
N GLY A 399 3.26 -3.12 -6.02
CA GLY A 399 1.98 -3.42 -6.51
C GLY A 399 1.01 -3.73 -5.33
N PRO A 400 -0.18 -4.23 -5.60
CA PRO A 400 -1.19 -4.41 -4.61
C PRO A 400 -0.73 -5.29 -3.37
N GLY A 401 -1.07 -4.74 -2.20
CA GLY A 401 -0.73 -5.42 -0.97
C GLY A 401 0.71 -5.42 -0.60
N VAL A 402 1.57 -4.61 -1.24
CA VAL A 402 2.97 -4.57 -0.85
C VAL A 402 3.31 -3.11 -0.54
N ARG A 403 4.13 -2.86 0.48
CA ARG A 403 4.64 -1.54 0.79
C ARG A 403 6.11 -1.76 1.18
N VAL A 404 6.98 -0.87 0.72
N VAL A 404 6.97 -0.87 0.72
CA VAL A 404 8.41 -0.92 1.04
CA VAL A 404 8.36 -0.93 1.11
C VAL A 404 8.92 0.40 1.59
C VAL A 404 8.87 0.40 1.62
N ASP A 405 9.49 0.36 2.81
CA ASP A 405 10.05 1.53 3.47
C ASP A 405 11.61 1.34 3.44
N THR A 406 12.27 2.27 2.77
CA THR A 406 13.74 2.24 2.58
C THR A 406 14.27 3.72 2.53
N PHE A 407 15.61 3.76 2.49
CA PHE A 407 16.47 4.89 2.28
C PHE A 407 17.47 4.71 1.09
N VAL A 408 17.50 3.52 0.53
CA VAL A 408 18.52 2.96 -0.44
C VAL A 408 18.10 3.40 -1.84
N THR A 409 19.04 3.98 -2.60
CA THR A 409 18.83 4.09 -4.05
C THR A 409 20.09 3.56 -4.77
N THR A 410 19.98 3.46 -6.10
CA THR A 410 21.10 2.92 -6.89
C THR A 410 22.37 3.77 -6.71
N GLY A 411 23.47 3.07 -6.46
CA GLY A 411 24.78 3.66 -6.34
C GLY A 411 25.13 4.03 -4.95
N LEU A 412 24.24 3.74 -3.97
CA LEU A 412 24.60 3.94 -2.58
C LEU A 412 25.64 2.94 -2.16
N THR A 413 26.62 3.33 -1.35
CA THR A 413 27.54 2.40 -0.67
C THR A 413 27.18 2.50 0.77
N PRO A 414 26.48 1.47 1.36
CA PRO A 414 26.23 1.55 2.80
C PRO A 414 27.45 1.59 3.73
N SER A 415 27.34 2.30 4.83
CA SER A 415 28.48 2.44 5.73
C SER A 415 28.32 1.46 6.85
N PRO A 416 29.43 0.81 7.25
CA PRO A 416 29.35 -0.07 8.42
C PRO A 416 29.10 0.64 9.75
N GLN A 417 29.01 1.97 9.77
CA GLN A 417 28.70 2.66 10.97
C GLN A 417 27.28 2.41 11.42
N TYR A 418 26.44 1.90 10.53
CA TYR A 418 24.99 1.88 10.78
C TYR A 418 24.58 0.43 10.64
N ASP A 419 23.40 0.16 11.15
CA ASP A 419 22.89 -1.19 11.12
C ASP A 419 22.72 -1.69 9.68
N ALA A 420 22.38 -2.99 9.57
CA ALA A 420 22.42 -3.71 8.29
C ALA A 420 21.11 -3.57 7.53
N LEU A 421 20.14 -2.87 8.10
CA LEU A 421 18.83 -2.75 7.40
C LEU A 421 18.94 -2.01 6.11
N LEU A 422 18.44 -2.63 5.06
CA LEU A 422 18.35 -2.01 3.72
C LEU A 422 16.92 -1.62 3.37
N ALA A 423 15.96 -2.53 3.70
CA ALA A 423 14.56 -2.15 3.45
C ALA A 423 13.60 -2.97 4.29
N LYS A 424 12.43 -2.42 4.53
CA LYS A 424 11.38 -3.18 5.19
C LYS A 424 10.25 -3.48 4.18
N VAL A 425 9.88 -4.72 4.01
CA VAL A 425 8.84 -5.12 3.09
C VAL A 425 7.63 -5.57 3.84
N VAL A 426 6.52 -4.89 3.61
CA VAL A 426 5.30 -5.12 4.37
C VAL A 426 4.31 -5.69 3.37
N VAL A 427 3.74 -6.84 3.72
CA VAL A 427 2.75 -7.40 2.81
C VAL A 427 1.44 -7.56 3.54
N HIS A 428 0.32 -7.28 2.86
CA HIS A 428 -1.00 -7.17 3.54
C HIS A 428 -2.12 -7.75 2.67
N ARG A 429 -2.94 -8.57 3.31
CA ARG A 429 -4.11 -9.02 2.65
C ARG A 429 -5.31 -9.01 3.53
N ARG A 430 -6.46 -9.10 2.90
CA ARG A 430 -7.71 -8.88 3.66
C ARG A 430 -8.49 -10.13 4.08
N ASP A 431 -7.99 -11.31 3.83
CA ASP A 431 -8.51 -12.62 4.36
C ASP A 431 -7.73 -13.00 5.66
N ALA A 432 -7.96 -14.18 6.22
CA ALA A 432 -7.43 -14.45 7.57
C ALA A 432 -6.38 -15.53 7.64
N ALA A 433 -6.35 -16.38 6.63
CA ALA A 433 -5.53 -17.57 6.63
C ALA A 433 -3.98 -17.32 6.44
N LEU A 434 -3.19 -17.60 7.49
CA LEU A 434 -1.72 -17.37 7.43
C LEU A 434 -0.90 -17.88 6.22
N PRO A 435 -1.08 -19.17 5.80
CA PRO A 435 -0.30 -19.68 4.68
C PRO A 435 -0.37 -18.81 3.40
N GLY A 436 -1.54 -18.29 3.11
CA GLY A 436 -1.74 -17.36 1.98
C GLY A 436 -0.93 -16.00 2.04
N LEU A 437 -0.81 -15.53 3.30
CA LEU A 437 -0.01 -14.37 3.60
C LEU A 437 1.51 -14.70 3.42
N LEU A 438 1.99 -15.82 3.94
CA LEU A 438 3.36 -16.20 3.75
C LEU A 438 3.80 -16.37 2.24
N ARG A 439 2.91 -16.96 1.42
CA ARG A 439 3.06 -17.23 -0.02
C ARG A 439 3.18 -15.85 -0.70
N GLN A 440 2.31 -14.92 -0.37
CA GLN A 440 2.36 -13.55 -0.90
C GLN A 440 3.63 -12.84 -0.57
N ALA A 441 4.06 -12.97 0.69
CA ALA A 441 5.31 -12.36 1.11
C ALA A 441 6.55 -12.95 0.43
N ALA A 442 6.58 -14.30 0.26
CA ALA A 442 7.66 -14.95 -0.47
C ALA A 442 7.72 -14.46 -1.92
N THR A 443 6.55 -14.35 -2.58
CA THR A 443 6.53 -13.79 -3.93
C THR A 443 7.08 -12.37 -4.04
N ALA A 444 6.66 -11.50 -3.13
CA ALA A 444 7.15 -10.17 -3.11
C ALA A 444 8.65 -10.09 -2.88
N LEU A 445 9.20 -10.85 -1.94
CA LEU A 445 10.57 -10.93 -1.82
C LEU A 445 11.34 -11.44 -3.03
N SER A 446 10.73 -12.32 -3.79
CA SER A 446 11.38 -12.93 -4.96
C SER A 446 11.46 -11.92 -6.03
N GLU A 447 10.70 -10.81 -5.96
CA GLU A 447 10.79 -9.72 -6.92
C GLU A 447 11.74 -8.62 -6.50
N PHE A 448 12.38 -8.79 -5.36
CA PHE A 448 13.38 -7.82 -4.91
C PHE A 448 14.76 -8.03 -5.53
N GLN A 449 15.08 -7.15 -6.46
CA GLN A 449 16.35 -7.25 -7.28
C GLN A 449 17.33 -6.37 -6.56
N ILE A 450 18.32 -6.99 -5.94
CA ILE A 450 19.43 -6.31 -5.40
C ILE A 450 20.72 -6.90 -6.04
N ALA A 451 21.58 -6.02 -6.53
CA ALA A 451 22.96 -6.40 -6.99
C ALA A 451 24.01 -5.44 -6.41
N GLY A 452 25.18 -6.02 -6.08
CA GLY A 452 26.39 -5.28 -5.60
C GLY A 452 26.71 -5.52 -4.13
N VAL A 453 25.70 -5.89 -3.29
CA VAL A 453 25.93 -6.26 -1.86
C VAL A 453 25.24 -7.57 -1.54
N SER A 454 25.67 -8.31 -0.49
CA SER A 454 24.95 -9.53 -0.17
C SER A 454 23.80 -9.15 0.78
N THR A 455 22.72 -9.91 0.66
CA THR A 455 21.54 -9.81 1.51
C THR A 455 21.01 -11.15 2.11
N ASN A 456 20.05 -10.97 3.01
CA ASN A 456 19.26 -12.02 3.61
C ASN A 456 18.03 -12.46 2.77
N LEU A 457 17.88 -12.00 1.55
CA LEU A 457 16.67 -12.37 0.83
C LEU A 457 16.40 -13.86 0.68
N ALA A 458 17.42 -14.65 0.42
CA ALA A 458 17.21 -16.15 0.43
C ALA A 458 16.86 -16.73 1.75
N PHE A 459 17.50 -16.24 2.81
CA PHE A 459 17.18 -16.69 4.12
C PHE A 459 15.71 -16.40 4.59
N LEU A 460 15.22 -15.21 4.22
CA LEU A 460 13.81 -14.75 4.41
C LEU A 460 12.87 -15.67 3.69
N GLN A 461 13.19 -16.06 2.44
CA GLN A 461 12.40 -17.01 1.71
C GLN A 461 12.43 -18.41 2.37
N ALA A 462 13.54 -18.86 2.94
CA ALA A 462 13.51 -20.17 3.59
C ALA A 462 12.58 -20.16 4.82
N LEU A 463 12.61 -19.03 5.56
CA LEU A 463 11.76 -18.79 6.72
C LEU A 463 10.30 -18.88 6.33
N LEU A 464 9.95 -18.17 5.28
CA LEU A 464 8.57 -18.09 4.89
C LEU A 464 7.95 -19.39 4.37
N HIS A 465 8.76 -20.29 3.86
CA HIS A 465 8.34 -21.66 3.40
C HIS A 465 8.41 -22.73 4.46
N HIS A 466 9.01 -22.45 5.63
CA HIS A 466 9.16 -23.45 6.63
C HIS A 466 7.79 -23.81 7.27
N PRO A 467 7.46 -25.11 7.29
CA PRO A 467 6.25 -25.58 7.93
C PRO A 467 5.95 -25.05 9.30
N ASP A 468 7.00 -24.98 10.15
CA ASP A 468 6.76 -24.50 11.44
C ASP A 468 6.32 -23.00 11.41
N VAL A 469 6.74 -22.21 10.44
CA VAL A 469 6.26 -20.85 10.32
C VAL A 469 4.77 -20.87 9.75
N GLN A 470 4.58 -21.70 8.72
CA GLN A 470 3.24 -21.95 8.20
C GLN A 470 2.14 -22.34 9.24
N HIS A 471 2.47 -23.06 10.33
CA HIS A 471 1.55 -23.35 11.44
C HIS A 471 1.75 -22.47 12.69
N TYR A 472 2.72 -21.53 12.58
CA TYR A 472 3.16 -20.66 13.63
C TYR A 472 3.52 -21.49 14.88
N GLU A 473 4.19 -22.63 14.71
CA GLU A 473 4.56 -23.42 15.85
C GLU A 473 5.98 -22.97 16.24
N LEU A 474 6.09 -21.82 16.92
CA LEU A 474 7.38 -21.07 16.98
C LEU A 474 7.56 -20.58 18.42
N SER A 475 8.79 -20.37 18.80
CA SER A 475 9.12 -19.69 20.01
C SER A 475 10.29 -18.76 19.66
N THR A 476 10.71 -17.95 20.62
CA THR A 476 11.82 -16.99 20.39
C THR A 476 13.21 -17.71 20.17
N HIS A 477 13.34 -18.99 20.60
CA HIS A 477 14.52 -19.82 20.33
C HIS A 477 14.46 -20.76 19.15
N TRP A 478 13.31 -20.77 18.47
CA TRP A 478 13.11 -21.59 17.31
C TRP A 478 14.18 -21.41 16.28
N LEU A 479 14.42 -20.17 15.86
CA LEU A 479 15.35 -19.92 14.79
C LEU A 479 16.79 -20.23 15.19
N ASP A 480 17.22 -19.86 16.40
CA ASP A 480 18.64 -20.11 16.74
C ASP A 480 18.93 -21.62 16.76
N GLU A 481 17.97 -22.38 17.23
CA GLU A 481 18.11 -23.83 17.20
C GLU A 481 18.18 -24.47 15.87
N ARG A 482 17.58 -23.88 14.87
CA ARG A 482 17.52 -24.46 13.52
C ARG A 482 18.34 -23.75 12.47
N LEU A 483 19.26 -22.91 12.93
CA LEU A 483 20.05 -22.11 12.00
C LEU A 483 20.78 -23.01 10.93
N PRO A 484 21.43 -24.14 11.33
CA PRO A 484 22.07 -24.80 10.15
C PRO A 484 21.11 -25.32 9.06
N GLU A 485 19.97 -25.86 9.46
CA GLU A 485 18.96 -26.37 8.49
C GLU A 485 18.39 -25.25 7.61
N LEU A 486 18.14 -24.12 8.25
CA LEU A 486 17.59 -22.96 7.58
C LEU A 486 18.57 -22.33 6.58
N VAL A 487 19.85 -22.32 6.94
CA VAL A 487 20.87 -21.83 6.03
C VAL A 487 21.00 -22.73 4.84
N THR A 488 20.93 -24.05 5.05
CA THR A 488 20.89 -25.05 3.93
C THR A 488 19.74 -24.77 2.99
N GLN A 489 18.54 -24.62 3.57
CA GLN A 489 17.30 -24.42 2.81
C GLN A 489 17.33 -23.17 1.98
N ALA A 490 17.96 -22.13 2.52
CA ALA A 490 18.07 -20.82 1.82
C ALA A 490 18.82 -20.93 0.48
N ALA A 491 19.69 -21.95 0.28
CA ALA A 491 20.49 -22.02 -0.98
C ALA A 491 19.59 -22.29 -2.23
N GLU A 492 18.45 -22.94 -2.02
CA GLU A 492 17.39 -23.08 -3.05
C GLU A 492 16.82 -21.78 -3.59
N TYR A 493 17.01 -20.67 -2.90
CA TYR A 493 16.47 -19.39 -3.33
C TYR A 493 17.60 -18.45 -3.81
N ASP A 494 18.84 -18.92 -3.75
CA ASP A 494 20.02 -18.06 -3.87
C ASP A 494 20.41 -17.86 -5.33
N THR B 32 -8.30 -27.05 -8.88
CA THR B 32 -7.64 -25.69 -8.90
C THR B 32 -7.73 -25.08 -10.31
N PRO B 33 -8.45 -23.94 -10.43
CA PRO B 33 -8.53 -23.32 -11.79
C PRO B 33 -7.22 -23.01 -12.38
N ARG B 34 -7.11 -23.09 -13.72
CA ARG B 34 -5.91 -22.57 -14.42
C ARG B 34 -6.38 -21.53 -15.36
N VAL B 35 -6.01 -20.33 -15.02
CA VAL B 35 -6.52 -19.15 -15.65
C VAL B 35 -5.61 -18.67 -16.78
N LEU B 36 -6.16 -18.77 -18.04
CA LEU B 36 -5.49 -18.17 -19.15
C LEU B 36 -5.68 -16.66 -19.20
N ILE B 37 -4.61 -15.89 -19.18
CA ILE B 37 -4.64 -14.39 -19.12
C ILE B 37 -4.47 -13.90 -20.51
N ALA B 38 -5.60 -13.69 -21.16
CA ALA B 38 -5.57 -13.24 -22.61
C ALA B 38 -5.27 -11.75 -22.75
N ASN B 39 -4.11 -11.38 -22.36
CA ASN B 39 -3.77 -9.99 -22.29
C ASN B 39 -2.24 -9.97 -21.94
N ARG B 40 -1.70 -8.77 -21.65
CA ARG B 40 -0.24 -8.54 -21.45
C ARG B 40 -0.04 -7.24 -20.64
N GLY B 41 1.22 -6.96 -20.29
CA GLY B 41 1.50 -5.65 -19.71
C GLY B 41 0.99 -5.64 -18.26
N GLU B 42 0.73 -4.38 -17.82
CA GLU B 42 0.41 -4.22 -16.37
C GLU B 42 -0.83 -5.00 -15.92
N VAL B 43 -1.87 -5.10 -16.74
CA VAL B 43 -3.05 -5.82 -16.32
C VAL B 43 -2.86 -7.35 -16.21
N ALA B 44 -1.91 -7.91 -16.98
CA ALA B 44 -1.70 -9.26 -16.97
C ALA B 44 -0.89 -9.55 -15.65
N VAL B 45 -0.08 -8.63 -15.28
CA VAL B 45 0.66 -8.77 -13.98
C VAL B 45 -0.39 -8.66 -12.84
N ARG B 46 -1.23 -7.66 -12.92
CA ARG B 46 -2.37 -7.55 -11.97
C ARG B 46 -3.13 -8.83 -11.76
N ILE B 47 -3.63 -9.42 -12.87
CA ILE B 47 -4.39 -10.65 -12.80
C ILE B 47 -3.56 -11.82 -12.23
N GLU B 48 -2.27 -11.97 -12.57
CA GLU B 48 -1.32 -13.04 -12.01
C GLU B 48 -1.25 -12.94 -10.49
N ARG B 49 -1.30 -11.70 -10.02
CA ARG B 49 -1.26 -11.43 -8.61
C ARG B 49 -2.55 -11.87 -7.93
N ALA B 50 -3.72 -11.61 -8.52
CA ALA B 50 -5.00 -11.96 -7.95
C ALA B 50 -5.11 -13.55 -8.03
N VAL B 51 -4.80 -14.16 -9.17
CA VAL B 51 -4.84 -15.62 -9.29
C VAL B 51 -4.02 -16.29 -8.19
N SER B 52 -2.82 -15.76 -8.01
CA SER B 52 -1.95 -16.22 -6.93
C SER B 52 -2.56 -16.13 -5.52
N ALA B 53 -3.10 -14.97 -5.20
CA ALA B 53 -3.78 -14.75 -3.91
C ALA B 53 -4.85 -15.78 -3.63
N LEU B 54 -5.55 -16.30 -4.67
CA LEU B 54 -6.48 -17.28 -4.54
C LEU B 54 -5.98 -18.74 -4.43
N GLY B 55 -4.70 -18.93 -4.65
CA GLY B 55 -4.14 -20.30 -4.69
C GLY B 55 -4.46 -21.01 -6.04
N TRP B 56 -4.78 -20.21 -7.05
CA TRP B 56 -5.07 -20.72 -8.37
C TRP B 56 -3.86 -20.62 -9.26
N GLN B 57 -3.91 -21.11 -10.51
CA GLN B 57 -2.76 -21.16 -11.45
C GLN B 57 -3.00 -20.25 -12.61
N SER B 58 -1.93 -19.56 -13.03
CA SER B 58 -1.96 -18.71 -14.23
C SER B 58 -1.18 -19.26 -15.41
N VAL B 59 -1.78 -19.12 -16.59
CA VAL B 59 -1.09 -19.27 -17.82
C VAL B 59 -1.07 -17.95 -18.58
N ALA B 60 0.12 -17.39 -18.76
CA ALA B 60 0.34 -16.17 -19.55
C ALA B 60 0.66 -16.49 -20.95
N VAL B 61 0.36 -15.51 -21.76
CA VAL B 61 0.70 -15.56 -23.15
C VAL B 61 1.56 -14.32 -23.53
N TYR B 62 2.43 -14.43 -24.56
CA TYR B 62 3.04 -13.19 -25.04
C TYR B 62 3.49 -13.34 -26.49
N ALA B 63 3.42 -12.26 -27.23
CA ALA B 63 4.22 -12.15 -28.45
C ALA B 63 5.72 -12.02 -28.16
N PRO B 64 6.56 -12.46 -29.13
CA PRO B 64 7.99 -12.32 -28.90
C PRO B 64 8.62 -10.97 -28.51
N ASP B 65 8.15 -9.88 -29.11
CA ASP B 65 8.63 -8.57 -28.79
C ASP B 65 8.12 -8.10 -27.37
N ASP B 66 7.37 -8.94 -26.62
CA ASP B 66 6.83 -8.55 -25.33
C ASP B 66 7.45 -9.38 -24.26
N ALA B 67 8.50 -10.16 -24.61
CA ALA B 67 8.96 -11.18 -23.73
C ALA B 67 9.68 -10.66 -22.47
N GLY B 68 10.14 -9.42 -22.50
CA GLY B 68 10.79 -8.74 -21.36
C GLY B 68 9.75 -8.24 -20.31
N SER B 69 8.50 -8.22 -20.68
CA SER B 69 7.41 -7.87 -19.73
C SER B 69 7.48 -8.74 -18.43
N LEU B 70 7.23 -8.10 -17.26
CA LEU B 70 7.00 -8.84 -16.03
C LEU B 70 5.91 -9.94 -16.07
N HIS B 71 4.89 -9.79 -16.89
CA HIS B 71 3.80 -10.73 -16.96
C HIS B 71 4.23 -12.07 -17.52
N VAL B 72 5.39 -12.11 -18.17
CA VAL B 72 5.91 -13.41 -18.64
C VAL B 72 6.42 -14.26 -17.44
N ARG B 73 7.40 -13.74 -16.72
CA ARG B 73 7.94 -14.44 -15.60
C ARG B 73 7.03 -14.54 -14.38
N ARG B 74 6.12 -13.59 -14.17
CA ARG B 74 5.22 -13.61 -13.01
C ARG B 74 4.10 -14.74 -13.04
N ALA B 75 3.74 -15.21 -14.23
CA ALA B 75 2.80 -16.29 -14.40
C ALA B 75 3.43 -17.59 -13.97
N ASP B 76 2.62 -18.51 -13.52
CA ASP B 76 3.01 -19.93 -13.27
C ASP B 76 3.57 -20.64 -14.52
N GLU B 77 3.02 -20.36 -15.68
CA GLU B 77 3.54 -20.90 -16.94
C GLU B 77 3.33 -19.77 -17.97
N ALA B 78 4.30 -19.55 -18.85
CA ALA B 78 4.08 -18.56 -19.93
C ALA B 78 4.31 -19.22 -21.32
N VAL B 79 3.46 -18.83 -22.29
CA VAL B 79 3.47 -19.39 -23.63
C VAL B 79 3.65 -18.33 -24.74
N ALA B 80 4.62 -18.54 -25.67
CA ALA B 80 4.80 -17.62 -26.75
C ALA B 80 3.71 -17.82 -27.75
N LEU B 81 3.16 -16.74 -28.27
CA LEU B 81 2.15 -16.77 -29.35
C LEU B 81 2.94 -16.84 -30.63
N SER B 82 2.33 -17.42 -31.68
CA SER B 82 2.92 -17.48 -33.00
C SER B 82 2.43 -16.33 -33.83
N GLY B 83 1.49 -15.52 -33.32
CA GLY B 83 1.22 -14.20 -33.92
C GLY B 83 2.32 -13.17 -33.68
N ARG B 84 2.13 -11.96 -34.19
CA ARG B 84 3.11 -10.87 -34.00
C ARG B 84 2.50 -9.57 -33.46
N GLY B 85 3.21 -8.93 -32.53
CA GLY B 85 2.72 -7.69 -31.92
C GLY B 85 1.30 -7.87 -31.36
N ALA B 86 0.46 -6.85 -31.50
CA ALA B 86 -0.92 -6.72 -30.95
C ALA B 86 -1.88 -7.73 -31.51
N ALA B 87 -1.83 -7.86 -32.82
CA ALA B 87 -2.57 -8.90 -33.53
C ALA B 87 -2.59 -10.24 -32.83
N ALA B 88 -1.44 -10.68 -32.35
CA ALA B 88 -1.16 -11.94 -31.64
C ALA B 88 -2.15 -12.22 -30.50
N TYR B 89 -2.39 -11.15 -29.74
CA TYR B 89 -3.35 -11.12 -28.64
C TYR B 89 -4.78 -11.01 -29.03
N LEU B 90 -5.10 -10.61 -30.27
CA LEU B 90 -6.45 -10.54 -30.76
C LEU B 90 -6.90 -11.81 -31.47
N ASP B 91 -6.00 -12.74 -31.64
CA ASP B 91 -6.32 -13.98 -32.33
C ASP B 91 -7.06 -14.90 -31.40
N GLY B 92 -8.38 -14.73 -31.37
CA GLY B 92 -9.22 -15.59 -30.62
C GLY B 92 -9.00 -17.07 -30.67
N ALA B 93 -9.03 -17.66 -31.87
CA ALA B 93 -8.81 -19.10 -31.99
C ALA B 93 -7.42 -19.52 -31.49
N ALA B 94 -6.41 -18.72 -31.76
CA ALA B 94 -5.07 -19.04 -31.27
C ALA B 94 -5.09 -19.13 -29.75
N LEU B 95 -5.75 -18.15 -29.13
CA LEU B 95 -5.82 -18.21 -27.65
C LEU B 95 -6.51 -19.44 -27.16
N LEU B 96 -7.61 -19.81 -27.80
CA LEU B 96 -8.33 -21.04 -27.49
C LEU B 96 -7.50 -22.31 -27.68
N ARG B 97 -6.63 -22.30 -28.68
CA ARG B 97 -5.64 -23.38 -28.83
C ARG B 97 -4.64 -23.43 -27.69
N VAL B 98 -4.20 -22.25 -27.24
CA VAL B 98 -3.29 -22.24 -26.06
C VAL B 98 -4.01 -22.85 -24.80
N ALA B 99 -5.24 -22.41 -24.57
CA ALA B 99 -6.04 -22.83 -23.46
C ALA B 99 -6.26 -24.33 -23.47
N GLN B 100 -6.52 -24.85 -24.68
CA GLN B 100 -6.75 -26.30 -24.81
C GLN B 100 -5.48 -27.08 -24.49
N GLU B 101 -4.39 -26.66 -25.09
CA GLU B 101 -3.09 -27.35 -24.96
C GLU B 101 -2.51 -27.31 -23.57
N HIS B 102 -2.85 -26.23 -22.84
CA HIS B 102 -2.35 -26.07 -21.47
C HIS B 102 -3.44 -26.35 -20.41
N ALA B 103 -4.54 -27.02 -20.78
CA ALA B 103 -5.60 -27.41 -19.86
C ALA B 103 -6.04 -26.22 -18.93
N ALA B 104 -6.17 -25.08 -19.54
CA ALA B 104 -6.83 -23.93 -18.85
C ALA B 104 -8.34 -24.25 -18.64
N THR B 105 -8.94 -23.63 -17.62
CA THR B 105 -10.33 -23.79 -17.21
C THR B 105 -11.10 -22.49 -17.29
N HIS B 106 -10.36 -21.41 -17.22
CA HIS B 106 -10.96 -20.06 -17.19
C HIS B 106 -10.13 -19.18 -18.09
N VAL B 107 -10.77 -18.19 -18.68
CA VAL B 107 -10.06 -17.17 -19.48
C VAL B 107 -10.30 -15.70 -18.94
N HIS B 108 -9.27 -15.03 -18.43
CA HIS B 108 -9.42 -13.63 -18.05
C HIS B 108 -8.97 -12.72 -19.18
N PRO B 109 -9.97 -12.02 -19.82
CA PRO B 109 -9.53 -11.07 -20.94
C PRO B 109 -8.93 -9.70 -20.57
N GLY B 110 -8.68 -9.39 -19.25
CA GLY B 110 -8.30 -8.05 -18.79
C GLY B 110 -9.24 -6.97 -19.32
N TYR B 111 -8.62 -5.93 -19.87
CA TYR B 111 -9.38 -4.77 -20.44
C TYR B 111 -8.70 -4.52 -21.78
N GLY B 112 -9.50 -3.99 -22.74
CA GLY B 112 -8.99 -3.85 -24.13
C GLY B 112 -9.01 -5.20 -24.78
N PHE B 113 -8.33 -5.37 -25.94
CA PHE B 113 -8.15 -6.68 -26.61
C PHE B 113 -9.53 -7.34 -26.80
N LEU B 114 -9.78 -8.54 -26.27
CA LEU B 114 -11.08 -9.24 -26.46
C LEU B 114 -12.06 -9.22 -25.27
N SER B 115 -11.79 -8.32 -24.31
CA SER B 115 -12.68 -8.18 -23.11
C SER B 115 -14.11 -7.75 -23.35
N GLU B 116 -14.41 -7.08 -24.46
CA GLU B 116 -15.78 -6.77 -24.73
C GLU B 116 -16.32 -7.62 -25.87
N ASN B 117 -15.57 -8.58 -26.35
CA ASN B 117 -15.94 -9.43 -27.52
C ASN B 117 -16.81 -10.65 -27.20
N ALA B 118 -18.06 -10.49 -27.59
CA ALA B 118 -19.08 -11.39 -27.26
C ALA B 118 -18.86 -12.76 -27.96
N ASP B 119 -18.40 -12.74 -29.23
CA ASP B 119 -18.10 -13.94 -30.02
C ASP B 119 -16.98 -14.70 -29.29
N PHE B 120 -15.96 -14.01 -28.82
CA PHE B 120 -14.91 -14.67 -28.10
C PHE B 120 -15.43 -15.35 -26.80
N ALA B 121 -16.23 -14.61 -26.03
CA ALA B 121 -16.81 -15.15 -24.81
C ALA B 121 -17.60 -16.44 -25.07
N ARG B 122 -18.40 -16.42 -26.15
CA ARG B 122 -19.18 -17.59 -26.55
C ARG B 122 -18.33 -18.76 -26.89
N ALA B 123 -17.23 -18.48 -27.50
CA ALA B 123 -16.28 -19.48 -27.97
C ALA B 123 -15.53 -20.15 -26.79
N CYS B 124 -15.12 -19.34 -25.81
CA CYS B 124 -14.59 -19.86 -24.55
C CYS B 124 -15.60 -20.87 -23.95
N ALA B 125 -16.86 -20.47 -23.74
CA ALA B 125 -17.94 -21.29 -23.15
C ALA B 125 -18.04 -22.65 -23.93
N GLN B 126 -18.02 -22.50 -25.26
CA GLN B 126 -18.16 -23.67 -26.14
C GLN B 126 -17.03 -24.69 -25.89
N ALA B 127 -15.84 -24.17 -25.63
CA ALA B 127 -14.66 -24.96 -25.42
C ALA B 127 -14.46 -25.39 -23.94
N GLY B 128 -15.43 -25.16 -23.07
CA GLY B 128 -15.33 -25.55 -21.70
C GLY B 128 -14.46 -24.65 -20.82
N LEU B 129 -14.34 -23.39 -21.20
CA LEU B 129 -13.62 -22.35 -20.50
C LEU B 129 -14.58 -21.26 -20.03
N VAL B 130 -14.52 -21.05 -18.74
CA VAL B 130 -15.26 -19.89 -18.14
C VAL B 130 -14.59 -18.49 -18.40
N PHE B 131 -15.31 -17.61 -19.08
CA PHE B 131 -14.88 -16.29 -19.50
C PHE B 131 -15.14 -15.40 -18.25
N VAL B 132 -14.05 -14.75 -17.77
CA VAL B 132 -14.13 -13.87 -16.60
C VAL B 132 -14.75 -12.56 -16.99
N GLY B 133 -16.07 -12.53 -16.87
CA GLY B 133 -16.93 -11.40 -17.20
C GLY B 133 -18.37 -11.80 -17.38
N PRO B 134 -19.23 -10.85 -17.72
CA PRO B 134 -20.67 -11.13 -17.79
C PRO B 134 -21.01 -11.98 -19.02
N ASP B 135 -22.29 -12.41 -19.08
CA ASP B 135 -22.72 -13.26 -20.18
C ASP B 135 -22.68 -12.52 -21.51
N PRO B 136 -22.48 -13.29 -22.61
CA PRO B 136 -22.25 -12.75 -23.90
C PRO B 136 -23.42 -11.86 -24.38
N ASP B 137 -24.66 -12.13 -24.01
CA ASP B 137 -25.85 -11.30 -24.39
C ASP B 137 -25.71 -9.88 -23.76
N THR B 138 -25.16 -9.85 -22.55
CA THR B 138 -24.80 -8.53 -21.90
C THR B 138 -23.62 -7.80 -22.58
N LEU B 139 -22.59 -8.54 -23.06
CA LEU B 139 -21.53 -7.95 -23.77
C LEU B 139 -22.12 -7.35 -25.06
N ASP B 140 -22.99 -8.08 -25.69
CA ASP B 140 -23.62 -7.52 -26.91
C ASP B 140 -24.41 -6.23 -26.58
N LEU B 141 -25.30 -6.32 -25.63
CA LEU B 141 -26.15 -5.19 -25.23
C LEU B 141 -25.28 -3.98 -24.90
N PHE B 142 -24.35 -4.09 -23.95
CA PHE B 142 -23.59 -2.95 -23.55
C PHE B 142 -22.56 -2.50 -24.58
N GLY B 143 -22.28 -3.37 -25.60
CA GLY B 143 -21.48 -2.97 -26.69
C GLY B 143 -22.18 -2.31 -27.85
N ASP B 144 -23.48 -2.13 -27.76
CA ASP B 144 -24.23 -1.49 -28.83
C ASP B 144 -24.91 -0.21 -28.30
N LYS B 145 -24.45 0.91 -28.85
CA LYS B 145 -24.86 2.23 -28.42
C LYS B 145 -26.35 2.30 -28.37
N SER B 146 -26.99 1.92 -29.47
CA SER B 146 -28.43 2.02 -29.54
C SER B 146 -29.21 1.10 -28.56
N ARG B 147 -28.75 -0.14 -28.32
CA ARG B 147 -29.39 -1.01 -27.29
C ARG B 147 -29.18 -0.47 -25.81
N ALA B 148 -28.01 0.02 -25.55
CA ALA B 148 -27.70 0.47 -24.21
C ALA B 148 -28.45 1.79 -23.90
N ARG B 149 -28.58 2.63 -24.92
CA ARG B 149 -29.36 3.89 -24.87
C ARG B 149 -30.78 3.54 -24.63
N GLY B 150 -31.29 2.61 -25.41
CA GLY B 150 -32.61 2.11 -25.22
C GLY B 150 -32.90 1.58 -23.86
N LEU B 151 -31.98 0.80 -23.29
CA LEU B 151 -32.17 0.29 -21.95
C LEU B 151 -32.29 1.44 -20.90
N ALA B 152 -31.33 2.37 -20.97
CA ALA B 152 -31.30 3.56 -20.09
C ALA B 152 -32.66 4.32 -20.13
N GLN B 153 -33.10 4.58 -21.35
CA GLN B 153 -34.45 5.18 -21.60
C GLN B 153 -35.66 4.45 -20.95
N ARG B 154 -35.81 3.14 -21.13
CA ARG B 154 -36.83 2.32 -20.47
C ARG B 154 -36.79 2.46 -18.96
N LEU B 155 -35.57 2.59 -18.42
CA LEU B 155 -35.36 2.64 -16.98
C LEU B 155 -35.47 4.04 -16.36
N GLY B 156 -35.60 5.09 -17.19
CA GLY B 156 -35.68 6.48 -16.69
C GLY B 156 -34.35 7.19 -16.47
N VAL B 157 -33.23 6.56 -16.90
CA VAL B 157 -31.90 7.13 -16.79
C VAL B 157 -31.60 8.05 -17.97
N PRO B 158 -31.25 9.33 -17.70
CA PRO B 158 -31.02 10.22 -18.83
C PRO B 158 -29.87 9.85 -19.70
N VAL B 159 -30.02 10.08 -21.00
CA VAL B 159 -29.01 9.94 -21.94
C VAL B 159 -28.98 11.31 -22.67
N ILE B 160 -27.86 11.59 -23.24
CA ILE B 160 -27.46 12.74 -24.04
C ILE B 160 -28.33 12.90 -25.27
N PRO B 161 -28.86 14.10 -25.52
CA PRO B 161 -29.65 14.24 -26.75
C PRO B 161 -28.85 13.95 -28.03
N GLY B 162 -29.50 13.27 -28.97
CA GLY B 162 -28.80 12.89 -30.21
C GLY B 162 -29.71 12.21 -31.22
N THR B 163 -29.13 11.87 -32.35
CA THR B 163 -29.82 11.07 -33.38
C THR B 163 -29.87 9.58 -32.98
N ALA B 166 -28.72 5.73 -38.34
CA ALA B 166 -29.32 6.54 -39.40
C ALA B 166 -28.92 8.02 -39.32
N THR B 167 -28.02 8.46 -40.20
CA THR B 167 -27.74 9.91 -40.37
C THR B 167 -28.89 10.53 -41.26
N THR B 168 -28.57 10.93 -42.50
CA THR B 168 -29.24 12.00 -43.29
C THR B 168 -28.61 13.30 -42.79
N LEU B 169 -28.03 14.08 -43.70
CA LEU B 169 -27.59 15.45 -43.39
C LEU B 169 -28.78 16.30 -42.92
N GLU B 170 -29.95 16.06 -43.48
CA GLU B 170 -31.21 16.67 -43.00
C GLU B 170 -31.85 15.96 -41.77
N GLU B 171 -31.08 15.09 -41.09
CA GLU B 171 -31.35 14.72 -39.71
C GLU B 171 -30.33 15.44 -38.79
N ALA B 172 -29.04 15.41 -39.17
CA ALA B 172 -27.96 16.21 -38.53
C ALA B 172 -28.23 17.72 -38.39
N ALA B 173 -28.58 18.40 -39.49
CA ALA B 173 -28.86 19.85 -39.44
C ALA B 173 -30.15 20.16 -38.67
N ALA B 174 -31.11 19.24 -38.74
CA ALA B 174 -32.37 19.40 -38.02
C ALA B 174 -32.16 19.29 -36.50
N PHE B 175 -31.28 18.36 -36.13
CA PHE B 175 -30.89 18.20 -34.75
C PHE B 175 -30.14 19.47 -34.26
N MET B 176 -29.13 19.89 -35.01
CA MET B 176 -28.36 21.12 -34.75
C MET B 176 -29.27 22.32 -34.50
N GLN B 177 -30.35 22.45 -35.27
CA GLN B 177 -31.29 23.55 -35.11
C GLN B 177 -32.04 23.43 -33.82
N ALA B 178 -32.50 22.22 -33.51
CA ALA B 178 -33.27 21.95 -32.32
C ALA B 178 -32.41 22.09 -31.03
N GLN B 179 -31.09 22.04 -31.20
CA GLN B 179 -30.17 22.44 -30.14
C GLN B 179 -30.05 23.95 -29.99
N GLY B 180 -30.86 24.73 -30.69
CA GLY B 180 -30.86 26.19 -30.56
C GLY B 180 -29.53 26.88 -30.47
N GLY B 181 -28.55 26.44 -31.24
CA GLY B 181 -27.29 27.16 -31.29
C GLY B 181 -26.19 26.56 -30.44
N ALA B 182 -26.48 25.59 -29.60
CA ALA B 182 -25.44 24.91 -28.84
C ALA B 182 -24.63 23.98 -29.77
N PRO B 183 -23.32 23.77 -29.52
CA PRO B 183 -22.53 22.86 -30.39
C PRO B 183 -22.96 21.40 -30.36
N VAL B 184 -22.39 20.67 -31.32
CA VAL B 184 -22.82 19.33 -31.55
C VAL B 184 -21.53 18.58 -32.00
N MET B 185 -21.50 17.28 -31.74
CA MET B 185 -20.45 16.43 -32.20
C MET B 185 -21.02 15.39 -33.16
N LEU B 186 -20.22 15.14 -34.19
CA LEU B 186 -20.35 13.98 -35.08
C LEU B 186 -19.29 12.94 -34.66
N LYS B 187 -19.66 11.66 -34.46
CA LYS B 187 -18.68 10.51 -34.50
C LYS B 187 -19.25 9.27 -35.25
N ALA B 188 -18.40 8.26 -35.50
CA ALA B 188 -18.78 6.79 -35.73
C ALA B 188 -20.14 6.45 -36.35
N VAL B 199 -16.84 18.02 -34.07
CA VAL B 199 -17.17 19.31 -33.36
C VAL B 199 -17.64 20.41 -34.32
N VAL B 200 -18.93 20.72 -34.29
CA VAL B 200 -19.54 21.74 -35.15
C VAL B 200 -20.28 22.73 -34.30
N ARG B 201 -19.90 24.01 -34.51
CA ARG B 201 -20.42 25.14 -33.72
C ARG B 201 -21.51 25.95 -34.39
N GLN B 202 -21.58 25.92 -35.73
CA GLN B 202 -22.49 26.79 -36.51
C GLN B 202 -23.12 26.04 -37.67
N ALA B 203 -24.39 26.33 -37.93
CA ALA B 203 -25.16 25.62 -38.99
C ALA B 203 -24.46 25.66 -40.34
N GLY B 204 -24.01 26.84 -40.74
CA GLY B 204 -23.28 27.03 -42.00
C GLY B 204 -22.00 26.24 -42.16
N ASP B 205 -21.26 26.07 -41.06
CA ASP B 205 -20.12 25.17 -40.96
C ASP B 205 -20.44 23.67 -41.14
N LEU B 206 -21.71 23.24 -41.04
CA LEU B 206 -22.06 21.79 -40.93
C LEU B 206 -21.57 20.81 -42.05
N ALA B 207 -22.08 20.96 -43.27
CA ALA B 207 -21.81 19.96 -44.35
C ALA B 207 -20.30 19.79 -44.68
N ALA B 208 -19.57 20.88 -44.87
CA ALA B 208 -18.10 20.85 -44.98
C ALA B 208 -17.44 20.00 -43.88
N ALA B 209 -17.81 20.31 -42.64
CA ALA B 209 -17.38 19.56 -41.47
C ALA B 209 -17.91 18.12 -41.47
N PHE B 210 -19.17 17.93 -41.86
CA PHE B 210 -19.87 16.61 -41.86
C PHE B 210 -19.04 15.44 -42.38
N GLU B 211 -18.58 15.56 -43.63
CA GLU B 211 -18.00 14.42 -44.36
C GLU B 211 -16.82 13.72 -43.67
N GLN B 212 -15.94 14.52 -43.06
CA GLN B 212 -14.70 14.03 -42.46
C GLN B 212 -14.96 13.14 -41.24
N LEU B 226 -21.15 7.93 -39.40
CA LEU B 226 -21.45 9.18 -38.69
C LEU B 226 -22.81 9.27 -37.93
N TYR B 227 -22.79 9.54 -36.62
CA TYR B 227 -24.00 10.12 -35.94
C TYR B 227 -23.69 11.43 -35.18
N ALA B 228 -24.76 12.16 -34.88
CA ALA B 228 -24.68 13.52 -34.24
C ALA B 228 -25.25 13.56 -32.83
N GLU B 229 -24.55 14.21 -31.89
CA GLU B 229 -25.11 14.37 -30.53
C GLU B 229 -24.70 15.71 -29.93
N ARG B 230 -25.48 16.13 -28.97
CA ARG B 230 -25.20 17.38 -28.26
C ARG B 230 -23.82 17.30 -27.61
N LEU B 231 -23.03 18.32 -27.81
CA LEU B 231 -21.76 18.44 -27.09
C LEU B 231 -22.03 18.86 -25.63
N ILE B 232 -21.59 18.06 -24.67
CA ILE B 232 -21.93 18.37 -23.25
C ILE B 232 -20.73 19.03 -22.70
N GLU B 233 -20.97 20.28 -22.34
CA GLU B 233 -19.93 21.15 -21.94
C GLU B 233 -20.04 21.30 -20.44
N ARG B 234 -18.90 21.65 -19.90
CA ARG B 234 -18.74 21.93 -18.50
C ARG B 234 -19.13 20.81 -17.62
N ALA B 235 -18.93 19.57 -18.09
CA ALA B 235 -19.22 18.41 -17.32
C ALA B 235 -18.01 17.65 -16.74
N ARG B 236 -18.21 17.02 -15.59
CA ARG B 236 -17.32 16.07 -15.07
C ARG B 236 -17.69 14.60 -15.51
N HIS B 237 -16.64 13.74 -15.65
CA HIS B 237 -16.73 12.32 -15.89
C HIS B 237 -16.77 11.63 -14.59
N ILE B 238 -17.90 11.12 -14.23
CA ILE B 238 -18.10 10.37 -12.96
C ILE B 238 -18.64 8.99 -13.35
N GLU B 239 -17.99 7.96 -12.83
CA GLU B 239 -18.36 6.56 -13.15
C GLU B 239 -18.54 5.76 -11.83
N VAL B 240 -19.43 4.78 -11.90
CA VAL B 240 -19.80 3.96 -10.78
C VAL B 240 -19.29 2.53 -11.01
N GLN B 241 -18.56 2.01 -10.05
CA GLN B 241 -18.16 0.60 -10.03
C GLN B 241 -19.21 -0.32 -9.49
N VAL B 242 -19.69 -1.20 -10.34
CA VAL B 242 -20.60 -2.24 -10.04
C VAL B 242 -19.98 -3.62 -9.98
N ALA B 243 -20.59 -4.44 -9.14
CA ALA B 243 -20.28 -5.88 -9.08
C ALA B 243 -21.56 -6.62 -8.90
N GLY B 244 -21.67 -7.79 -9.49
CA GLY B 244 -22.83 -8.68 -9.31
C GLY B 244 -22.49 -10.15 -9.34
N ASP B 245 -23.42 -10.98 -8.82
CA ASP B 245 -23.33 -12.44 -8.86
C ASP B 245 -24.43 -13.15 -9.66
N GLY B 246 -25.05 -12.37 -10.55
CA GLY B 246 -26.22 -12.78 -11.27
C GLY B 246 -27.55 -12.80 -10.56
N GLN B 247 -27.56 -12.67 -9.24
CA GLN B 247 -28.81 -12.77 -8.49
C GLN B 247 -29.05 -11.38 -7.86
N SER B 248 -27.96 -10.78 -7.41
CA SER B 248 -27.94 -9.46 -6.84
C SER B 248 -26.73 -8.61 -7.39
N VAL B 249 -26.87 -7.32 -7.18
CA VAL B 249 -25.90 -6.31 -7.52
C VAL B 249 -25.57 -5.39 -6.32
N THR B 250 -24.35 -4.87 -6.40
CA THR B 250 -23.86 -3.91 -5.48
C THR B 250 -22.83 -2.96 -6.16
N HIS B 251 -22.26 -2.00 -5.38
CA HIS B 251 -21.38 -1.00 -5.95
C HIS B 251 -20.18 -0.76 -4.95
N LEU B 252 -19.15 -0.13 -5.40
CA LEU B 252 -18.01 0.39 -4.60
C LEU B 252 -17.90 1.91 -4.88
N TRP B 253 -19.08 2.56 -4.97
CA TRP B 253 -19.18 3.99 -5.11
C TRP B 253 -18.60 4.43 -6.42
N GLU B 254 -17.96 5.57 -6.47
CA GLU B 254 -17.72 6.29 -7.75
C GLU B 254 -16.23 6.57 -7.98
N ARG B 255 -15.85 6.96 -9.22
CA ARG B 255 -14.61 7.54 -9.58
C ARG B 255 -14.83 8.72 -10.51
N ASP B 256 -13.90 9.63 -10.44
CA ASP B 256 -13.87 10.86 -11.22
C ASP B 256 -12.63 10.78 -12.14
N CYS B 257 -12.87 10.84 -13.44
CA CYS B 257 -11.84 10.75 -14.46
C CYS B 257 -11.91 11.95 -15.43
N THR B 258 -12.23 13.12 -14.88
CA THR B 258 -12.43 14.38 -15.67
C THR B 258 -11.13 14.86 -16.40
N VAL B 259 -9.96 14.75 -15.81
CA VAL B 259 -8.74 15.22 -16.40
C VAL B 259 -8.35 14.26 -17.55
N GLN B 260 -8.57 14.71 -18.78
CA GLN B 260 -8.37 13.92 -19.97
C GLN B 260 -7.67 14.79 -21.05
N ARG B 261 -6.83 14.13 -21.83
CA ARG B 261 -6.10 14.74 -22.97
C ARG B 261 -6.73 14.13 -24.19
N ARG B 262 -7.48 14.87 -25.00
CA ARG B 262 -8.18 14.21 -26.16
C ARG B 262 -8.84 12.85 -25.78
N HIS B 263 -9.67 12.84 -24.74
CA HIS B 263 -10.45 11.68 -24.34
C HIS B 263 -9.64 10.52 -23.71
N GLN B 264 -8.36 10.74 -23.45
CA GLN B 264 -7.51 9.76 -22.75
C GLN B 264 -7.42 10.19 -21.29
N LYS B 265 -7.80 9.33 -20.36
CA LYS B 265 -7.70 9.66 -18.92
C LYS B 265 -6.26 9.70 -18.43
N LEU B 266 -5.95 10.64 -17.57
CA LEU B 266 -4.67 10.80 -16.97
C LEU B 266 -4.71 10.77 -15.45
N LEU B 267 -5.67 11.44 -14.84
CA LEU B 267 -5.84 11.37 -13.38
C LEU B 267 -7.25 10.94 -13.01
N GLU B 268 -7.33 9.97 -12.10
CA GLU B 268 -8.58 9.29 -11.72
C GLU B 268 -8.64 9.25 -10.20
N PHE B 269 -9.74 9.77 -9.69
CA PHE B 269 -9.93 10.07 -8.28
C PHE B 269 -10.99 9.17 -7.72
N ALA B 270 -10.83 8.70 -6.46
CA ALA B 270 -11.88 8.01 -5.65
C ALA B 270 -11.75 8.51 -4.22
N PRO B 271 -12.75 9.21 -3.69
CA PRO B 271 -14.03 9.61 -4.35
C PRO B 271 -13.87 10.72 -5.36
N ALA B 272 -15.00 11.07 -6.00
CA ALA B 272 -15.10 12.21 -6.83
C ALA B 272 -15.01 13.42 -5.85
N PRO B 273 -14.00 14.23 -6.01
CA PRO B 273 -13.94 15.41 -5.11
C PRO B 273 -15.12 16.38 -5.14
N HIS B 274 -15.54 16.89 -3.97
CA HIS B 274 -16.60 17.91 -3.90
C HIS B 274 -17.86 17.51 -4.65
N LEU B 275 -18.27 16.27 -4.46
CA LEU B 275 -19.54 15.70 -4.98
C LEU B 275 -20.61 15.64 -3.89
N PRO B 276 -21.72 16.37 -4.08
CA PRO B 276 -22.81 16.29 -3.08
C PRO B 276 -23.34 14.83 -3.00
N GLN B 277 -23.67 14.34 -1.80
CA GLN B 277 -24.25 13.10 -1.60
C GLN B 277 -25.47 12.85 -2.45
N ALA B 278 -26.42 13.78 -2.55
CA ALA B 278 -27.57 13.58 -3.42
C ALA B 278 -27.26 13.19 -4.87
N VAL B 279 -26.21 13.81 -5.44
CA VAL B 279 -25.74 13.46 -6.78
C VAL B 279 -25.10 12.10 -6.73
N ARG B 280 -24.18 11.83 -5.76
CA ARG B 280 -23.68 10.40 -5.57
C ARG B 280 -24.78 9.36 -5.59
N THR B 281 -25.88 9.56 -4.80
CA THR B 281 -26.85 8.57 -4.53
C THR B 281 -27.59 8.34 -5.86
N ALA B 282 -27.88 9.43 -6.52
CA ALA B 282 -28.52 9.29 -7.85
C ALA B 282 -27.74 8.47 -8.97
N LEU B 283 -26.48 8.82 -9.08
CA LEU B 283 -25.49 8.15 -9.97
C LEU B 283 -25.47 6.71 -9.61
N ILE B 284 -25.18 6.35 -8.35
CA ILE B 284 -25.18 4.97 -7.99
C ILE B 284 -26.51 4.21 -8.21
N GLY B 285 -27.65 4.85 -7.92
CA GLY B 285 -28.91 4.24 -8.10
C GLY B 285 -29.18 4.00 -9.58
N ALA B 286 -28.76 4.90 -10.43
CA ALA B 286 -28.89 4.68 -11.93
C ALA B 286 -28.06 3.43 -12.40
N ALA B 287 -26.81 3.41 -11.93
CA ALA B 287 -25.95 2.29 -12.28
C ALA B 287 -26.49 0.91 -11.80
N LEU B 288 -27.02 0.85 -10.61
CA LEU B 288 -27.56 -0.27 -9.97
C LEU B 288 -28.83 -0.73 -10.74
N GLN B 289 -29.61 0.22 -11.22
CA GLN B 289 -30.79 -0.11 -12.15
C GLN B 289 -30.39 -0.80 -13.41
N LEU B 290 -29.41 -0.26 -14.08
CA LEU B 290 -28.85 -0.81 -15.33
C LEU B 290 -28.31 -2.21 -15.11
N ALA B 291 -27.52 -2.36 -14.04
CA ALA B 291 -26.98 -3.70 -13.73
C ALA B 291 -28.01 -4.74 -13.24
N GLN B 292 -28.96 -4.39 -12.36
CA GLN B 292 -29.96 -5.31 -11.87
C GLN B 292 -30.83 -5.81 -13.08
N GLU B 293 -31.09 -4.85 -13.95
CA GLU B 293 -31.91 -5.15 -15.14
C GLU B 293 -31.36 -6.26 -16.00
N VAL B 294 -30.04 -6.33 -16.15
CA VAL B 294 -29.43 -7.47 -16.89
C VAL B 294 -28.95 -8.68 -16.02
N LYS B 295 -29.29 -8.73 -14.73
CA LYS B 295 -28.77 -9.71 -13.77
C LYS B 295 -27.23 -9.84 -13.88
N TYR B 296 -26.57 -8.71 -13.78
CA TYR B 296 -25.14 -8.66 -14.11
C TYR B 296 -24.32 -9.59 -13.14
N ARG B 297 -23.36 -10.32 -13.73
CA ARG B 297 -22.36 -11.11 -13.00
C ARG B 297 -20.96 -10.54 -13.32
N CYS B 298 -20.10 -10.44 -12.27
CA CYS B 298 -18.72 -9.97 -12.37
C CYS B 298 -18.67 -8.48 -12.16
N LEU B 299 -17.70 -7.86 -12.77
CA LEU B 299 -17.45 -6.43 -12.66
C LEU B 299 -17.92 -5.65 -13.87
N GLY B 300 -18.39 -4.45 -13.61
CA GLY B 300 -18.69 -3.56 -14.68
C GLY B 300 -18.73 -2.12 -14.20
N THR B 301 -18.56 -1.20 -15.10
CA THR B 301 -18.52 0.24 -14.73
C THR B 301 -19.60 0.96 -15.59
N PHE B 302 -20.32 1.91 -14.98
CA PHE B 302 -21.30 2.74 -15.68
C PHE B 302 -20.81 4.22 -15.58
N GLU B 303 -20.51 4.80 -16.73
CA GLU B 303 -19.94 6.12 -16.87
C GLU B 303 -21.00 7.16 -17.19
N PHE B 304 -20.86 8.33 -16.64
CA PHE B 304 -21.77 9.50 -16.78
C PHE B 304 -21.00 10.77 -16.95
N LEU B 305 -21.58 11.71 -17.69
CA LEU B 305 -21.26 13.09 -17.61
C LEU B 305 -22.21 13.78 -16.63
N VAL B 306 -21.62 14.61 -15.81
CA VAL B 306 -22.32 15.31 -14.77
C VAL B 306 -22.13 16.80 -14.76
N THR B 307 -23.23 17.57 -14.80
CA THR B 307 -23.13 19.04 -14.90
C THR B 307 -22.82 19.66 -13.51
N PRO B 308 -22.43 20.99 -13.53
CA PRO B 308 -22.10 21.43 -12.16
C PRO B 308 -23.24 21.37 -11.17
N GLY B 309 -24.52 21.57 -11.57
CA GLY B 309 -25.66 21.47 -10.69
C GLY B 309 -26.19 20.06 -10.44
N GLY B 310 -25.59 19.04 -11.03
CA GLY B 310 -25.89 17.66 -10.66
C GLY B 310 -26.76 16.87 -11.62
N ASP B 311 -27.06 17.50 -12.76
CA ASP B 311 -27.67 16.75 -13.84
C ASP B 311 -26.66 15.74 -14.36
N PHE B 312 -27.12 14.56 -14.80
CA PHE B 312 -26.20 13.54 -15.28
C PHE B 312 -26.80 12.82 -16.43
N TYR B 313 -25.92 12.27 -17.20
CA TYR B 313 -26.25 11.54 -18.41
C TYR B 313 -25.37 10.29 -18.53
N PHE B 314 -26.02 9.16 -18.67
CA PHE B 314 -25.32 7.94 -19.06
C PHE B 314 -24.63 7.99 -20.41
N ILE B 315 -23.36 7.64 -20.46
CA ILE B 315 -22.49 7.77 -21.63
C ILE B 315 -21.97 6.37 -22.06
N GLU B 316 -21.83 5.40 -21.14
CA GLU B 316 -21.10 4.14 -21.54
C GLU B 316 -21.20 3.13 -20.43
N ALA B 317 -21.42 1.85 -20.76
CA ALA B 317 -21.37 0.77 -19.85
C ALA B 317 -20.12 -0.09 -20.28
N ASN B 318 -19.11 -0.16 -19.40
CA ASN B 318 -17.93 -0.98 -19.67
C ASN B 318 -18.05 -2.30 -18.95
N PRO B 319 -18.24 -3.42 -19.67
CA PRO B 319 -18.66 -4.58 -18.93
C PRO B 319 -17.43 -5.43 -18.62
N ARG B 320 -16.51 -4.88 -17.84
CA ARG B 320 -15.20 -5.43 -17.68
C ARG B 320 -14.51 -4.71 -16.55
N LEU B 321 -13.33 -5.16 -16.21
CA LEU B 321 -12.40 -4.50 -15.28
C LEU B 321 -11.97 -3.22 -16.03
N GLN B 322 -11.70 -2.15 -15.31
CA GLN B 322 -10.97 -1.05 -15.87
C GLN B 322 -9.59 -0.73 -15.32
N VAL B 323 -8.87 0.07 -16.13
CA VAL B 323 -7.50 0.54 -15.79
C VAL B 323 -7.50 1.18 -14.36
N GLU B 324 -8.50 1.98 -14.06
CA GLU B 324 -8.55 2.77 -12.80
C GLU B 324 -9.29 2.06 -11.67
N HIS B 325 -9.37 0.68 -11.71
CA HIS B 325 -10.00 -0.13 -10.66
C HIS B 325 -9.10 0.13 -9.41
N THR B 326 -7.86 0.40 -9.67
CA THR B 326 -6.79 0.47 -8.58
C THR B 326 -7.14 1.61 -7.58
N VAL B 327 -7.68 2.73 -7.99
CA VAL B 327 -7.99 3.80 -7.02
C VAL B 327 -9.13 3.48 -6.06
N THR B 328 -10.11 2.74 -6.58
CA THR B 328 -11.26 2.28 -5.80
C THR B 328 -10.72 1.26 -4.73
N GLU B 329 -9.91 0.28 -5.25
CA GLU B 329 -9.21 -0.68 -4.35
C GLU B 329 -8.53 -0.04 -3.15
N GLU B 330 -7.75 0.99 -3.37
CA GLU B 330 -7.04 1.66 -2.25
C GLU B 330 -8.02 2.46 -1.40
N TRP B 331 -8.99 3.12 -2.00
CA TRP B 331 -9.86 3.99 -1.19
C TRP B 331 -10.73 3.10 -0.31
N CYS B 332 -11.38 2.05 -0.89
CA CYS B 332 -12.30 1.24 -0.21
C CYS B 332 -11.62 0.11 0.65
N GLY B 333 -10.35 -0.26 0.42
CA GLY B 333 -9.70 -1.42 1.04
C GLY B 333 -10.35 -2.71 0.55
N THR B 334 -10.32 -2.89 -0.77
CA THR B 334 -10.99 -4.06 -1.33
C THR B 334 -10.15 -4.54 -2.43
N ASP B 335 -10.22 -5.86 -2.73
CA ASP B 335 -9.46 -6.44 -3.89
C ASP B 335 -10.52 -6.80 -4.95
N LEU B 336 -10.61 -5.93 -5.94
CA LEU B 336 -11.63 -6.09 -7.00
C LEU B 336 -11.37 -7.31 -7.94
N VAL B 337 -10.10 -7.61 -8.16
CA VAL B 337 -9.74 -8.68 -9.16
C VAL B 337 -9.89 -10.08 -8.59
N THR B 338 -9.51 -10.31 -7.30
CA THR B 338 -9.87 -11.62 -6.72
C THR B 338 -11.38 -11.78 -6.63
N ALA B 339 -12.20 -10.74 -6.33
CA ALA B 339 -13.67 -10.73 -6.30
C ALA B 339 -14.20 -11.11 -7.68
N GLN B 340 -13.59 -10.48 -8.65
CA GLN B 340 -14.05 -10.64 -10.05
C GLN B 340 -13.85 -12.13 -10.44
N LEU B 341 -12.72 -12.73 -10.16
CA LEU B 341 -12.40 -14.10 -10.50
C LEU B 341 -13.37 -15.08 -9.78
N ARG B 342 -13.58 -14.89 -8.45
CA ARG B 342 -14.51 -15.63 -7.61
C ARG B 342 -15.92 -15.52 -8.08
N LEU B 343 -16.32 -14.34 -8.62
CA LEU B 343 -17.64 -14.05 -9.13
C LEU B 343 -17.81 -14.79 -10.46
N ALA B 344 -16.83 -14.70 -11.31
CA ALA B 344 -16.81 -15.50 -12.59
C ALA B 344 -16.94 -17.03 -12.31
N ALA B 345 -16.35 -17.53 -11.19
CA ALA B 345 -16.43 -18.96 -10.77
C ALA B 345 -17.66 -19.39 -9.95
N GLY B 346 -18.61 -18.47 -9.76
CA GLY B 346 -19.97 -18.70 -9.35
C GLY B 346 -20.25 -18.54 -7.86
N GLU B 347 -19.35 -17.82 -7.14
CA GLU B 347 -19.67 -17.47 -5.75
C GLU B 347 -20.54 -16.20 -5.70
N THR B 348 -21.27 -16.08 -4.62
CA THR B 348 -22.10 -14.94 -4.34
C THR B 348 -21.27 -13.66 -3.95
N LEU B 349 -21.89 -12.48 -3.99
CA LEU B 349 -21.26 -11.20 -3.47
C LEU B 349 -20.80 -11.46 -2.06
N THR B 350 -21.70 -12.06 -1.26
CA THR B 350 -21.34 -12.30 0.15
C THR B 350 -20.10 -13.14 0.28
N ALA B 351 -20.08 -14.29 -0.44
CA ALA B 351 -19.02 -15.26 -0.42
C ALA B 351 -17.68 -14.65 -0.87
N VAL B 352 -17.68 -13.72 -1.84
CA VAL B 352 -16.48 -13.09 -2.28
C VAL B 352 -16.00 -11.87 -1.43
N GLY B 353 -16.76 -11.47 -0.43
CA GLY B 353 -16.41 -10.38 0.53
C GLY B 353 -16.89 -9.05 0.18
N LEU B 354 -17.86 -8.96 -0.77
CA LEU B 354 -18.46 -7.75 -1.13
C LEU B 354 -19.84 -7.49 -0.49
N ALA B 355 -19.88 -6.43 0.36
CA ALA B 355 -21.14 -5.95 0.93
C ALA B 355 -22.18 -5.65 -0.14
N THR B 356 -23.40 -6.12 0.07
CA THR B 356 -24.50 -5.76 -0.80
C THR B 356 -25.15 -4.58 -0.13
N GLN B 357 -25.15 -3.46 -0.82
CA GLN B 357 -25.40 -2.21 -0.17
C GLN B 357 -26.18 -1.25 -1.07
N PRO B 358 -26.96 -0.42 -0.45
CA PRO B 358 -27.84 0.44 -1.26
C PRO B 358 -27.12 1.64 -1.82
N ALA B 359 -27.75 2.30 -2.77
CA ALA B 359 -27.12 3.50 -3.43
C ALA B 359 -26.61 4.61 -2.52
N ASP B 360 -27.29 4.79 -1.36
CA ASP B 360 -26.99 5.86 -0.49
C ASP B 360 -26.03 5.42 0.60
N ALA B 361 -25.36 4.28 0.46
CA ALA B 361 -24.44 3.87 1.54
C ALA B 361 -23.37 4.92 1.73
N ALA B 362 -23.00 5.19 2.99
CA ALA B 362 -22.10 6.29 3.31
C ALA B 362 -20.74 5.92 2.67
N PRO B 363 -20.08 6.86 2.01
CA PRO B 363 -18.79 6.46 1.43
C PRO B 363 -17.63 6.27 2.45
N PRO B 364 -16.59 5.44 2.13
CA PRO B 364 -15.44 5.26 3.04
C PRO B 364 -14.75 6.56 3.24
N PRO B 365 -14.14 6.78 4.42
CA PRO B 365 -13.35 7.95 4.62
C PRO B 365 -12.08 7.91 3.79
N GLY B 366 -11.32 8.99 3.74
CA GLY B 366 -10.04 9.06 2.95
C GLY B 366 -10.28 9.27 1.47
N GLN B 367 -9.19 9.17 0.73
CA GLN B 367 -9.22 9.59 -0.67
C GLN B 367 -8.00 9.03 -1.40
N ALA B 368 -8.12 8.87 -2.71
CA ALA B 368 -7.08 8.26 -3.45
C ALA B 368 -7.11 8.81 -4.87
N VAL B 369 -5.96 8.82 -5.50
CA VAL B 369 -5.83 9.24 -6.87
C VAL B 369 -4.78 8.36 -7.57
N GLN B 370 -5.06 8.04 -8.83
CA GLN B 370 -4.13 7.40 -9.76
C GLN B 370 -3.68 8.32 -10.90
N ALA B 371 -2.41 8.23 -11.17
CA ALA B 371 -1.81 8.97 -12.28
C ALA B 371 -1.24 7.93 -13.21
N ARG B 372 -1.53 8.09 -14.53
CA ARG B 372 -0.97 7.23 -15.56
C ARG B 372 0.31 7.77 -16.17
N VAL B 373 1.38 7.10 -15.81
CA VAL B 373 2.75 7.43 -16.24
C VAL B 373 2.95 6.75 -17.57
N ASN B 374 3.06 7.61 -18.63
CA ASN B 374 3.20 7.19 -20.04
C ASN B 374 4.49 7.56 -20.69
N MET B 375 4.89 6.79 -21.70
CA MET B 375 6.08 7.05 -22.52
C MET B 375 5.51 7.97 -23.55
N GLU B 376 5.78 9.27 -23.44
CA GLU B 376 5.12 10.32 -24.26
C GLU B 376 5.61 11.68 -23.80
N GLY B 389 13.11 4.57 -26.75
CA GLY B 389 14.39 3.88 -26.35
C GLY B 389 14.38 2.53 -25.62
N GLN B 390 15.48 2.24 -24.92
CA GLN B 390 15.54 1.18 -23.91
C GLN B 390 15.54 1.79 -22.52
N VAL B 391 14.69 1.22 -21.66
CA VAL B 391 14.59 1.64 -20.26
C VAL B 391 15.81 1.21 -19.50
N GLN B 392 16.66 2.20 -19.17
CA GLN B 392 17.92 2.00 -18.48
C GLN B 392 17.87 2.05 -16.98
N THR B 393 17.06 2.97 -16.45
CA THR B 393 16.78 3.04 -15.03
C THR B 393 15.28 3.13 -14.91
N PHE B 394 14.82 2.34 -13.98
CA PHE B 394 13.41 2.28 -13.59
C PHE B 394 13.25 1.97 -12.07
N THR B 395 12.85 3.00 -11.30
CA THR B 395 12.73 2.95 -9.87
C THR B 395 11.46 3.72 -9.46
N PRO B 396 10.39 2.98 -9.31
CA PRO B 396 9.14 3.62 -9.05
C PRO B 396 9.09 4.10 -7.61
N PRO B 397 8.23 5.11 -7.34
CA PRO B 397 8.10 5.48 -5.90
C PRO B 397 7.56 4.39 -5.03
N GLY B 398 7.76 4.55 -3.73
CA GLY B 398 7.21 3.56 -2.78
C GLY B 398 6.95 4.20 -1.43
N GLY B 399 6.71 3.35 -0.45
CA GLY B 399 6.60 3.75 0.91
C GLY B 399 5.11 3.90 1.28
N PRO B 400 4.80 4.50 2.44
CA PRO B 400 3.42 4.60 2.99
C PRO B 400 2.52 5.44 2.00
N GLY B 401 1.35 4.94 1.80
CA GLY B 401 0.31 5.57 0.91
C GLY B 401 0.59 5.54 -0.60
N VAL B 402 1.54 4.71 -1.06
N VAL B 402 1.57 4.71 -1.05
CA VAL B 402 1.70 4.59 -2.49
CA VAL B 402 1.93 4.67 -2.49
C VAL B 402 1.71 3.14 -2.92
C VAL B 402 1.87 3.21 -3.00
N ARG B 403 1.14 2.96 -4.12
CA ARG B 403 1.04 1.65 -4.80
C ARG B 403 1.37 1.94 -6.26
N VAL B 404 2.26 1.13 -6.80
CA VAL B 404 2.56 1.22 -8.28
C VAL B 404 2.29 -0.13 -8.94
N ASP B 405 1.47 -0.12 -10.02
CA ASP B 405 1.19 -1.29 -10.83
C ASP B 405 1.86 -1.08 -12.17
N THR B 406 2.79 -1.99 -12.46
CA THR B 406 3.52 -1.97 -13.71
C THR B 406 3.81 -3.37 -14.21
N PHE B 407 4.47 -3.35 -15.35
CA PHE B 407 5.08 -4.50 -15.99
C PHE B 407 6.58 -4.27 -16.36
N VAL B 408 7.13 -3.13 -16.08
CA VAL B 408 8.39 -2.67 -16.65
C VAL B 408 9.46 -3.07 -15.69
N THR B 409 10.60 -3.48 -16.24
CA THR B 409 11.82 -3.62 -15.46
C THR B 409 13.03 -3.07 -16.22
N THR B 410 14.11 -2.74 -15.52
CA THR B 410 15.35 -2.21 -16.15
C THR B 410 15.74 -3.11 -17.36
N GLY B 411 16.01 -2.45 -18.50
CA GLY B 411 16.49 -3.13 -19.72
C GLY B 411 15.37 -3.49 -20.68
N LEU B 412 14.10 -3.35 -20.30
CA LEU B 412 13.01 -3.54 -21.30
C LEU B 412 13.14 -2.45 -22.35
N THR B 413 12.92 -2.89 -23.60
CA THR B 413 12.71 -2.03 -24.75
C THR B 413 11.23 -1.98 -25.19
N PRO B 414 10.48 -0.94 -24.84
CA PRO B 414 9.07 -0.99 -25.26
C PRO B 414 8.76 -1.11 -26.73
N SER B 415 7.79 -1.93 -27.03
CA SER B 415 7.42 -2.10 -28.41
C SER B 415 6.39 -1.03 -28.77
N PRO B 416 6.55 -0.38 -29.91
CA PRO B 416 5.47 0.50 -30.27
C PRO B 416 4.25 -0.27 -30.81
N GLN B 417 4.19 -1.63 -30.70
CA GLN B 417 2.92 -2.32 -30.94
C GLN B 417 1.85 -2.09 -29.83
N TYR B 418 2.26 -1.65 -28.64
CA TYR B 418 1.39 -1.58 -27.48
C TYR B 418 1.30 -0.15 -27.01
N ASP B 419 0.33 0.08 -26.12
CA ASP B 419 0.04 1.46 -25.73
C ASP B 419 1.22 2.06 -24.95
N ALA B 420 1.13 3.34 -24.67
CA ALA B 420 2.24 4.10 -24.05
C ALA B 420 2.32 3.90 -22.49
N LEU B 421 1.44 3.11 -21.93
CA LEU B 421 1.40 3.05 -20.41
C LEU B 421 2.62 2.33 -19.86
N LEU B 422 3.39 3.04 -19.02
CA LEU B 422 4.50 2.46 -18.31
C LEU B 422 4.20 1.97 -16.87
N ALA B 423 3.40 2.80 -16.12
CA ALA B 423 3.13 2.49 -14.75
C ALA B 423 1.89 3.29 -14.33
N LYS B 424 1.16 2.70 -13.41
CA LYS B 424 0.03 3.41 -12.72
C LYS B 424 0.51 3.77 -11.27
N VAL B 425 0.42 5.02 -10.92
CA VAL B 425 0.87 5.37 -9.56
C VAL B 425 -0.40 5.77 -8.79
N VAL B 426 -0.68 5.11 -7.64
CA VAL B 426 -1.89 5.26 -6.84
C VAL B 426 -1.39 5.77 -5.48
N VAL B 427 -1.96 6.88 -5.03
N VAL B 427 -1.89 6.92 -5.05
CA VAL B 427 -1.60 7.52 -3.77
CA VAL B 427 -1.53 7.48 -3.75
C VAL B 427 -2.86 7.63 -2.95
C VAL B 427 -2.82 7.66 -2.95
N HIS B 428 -2.70 7.36 -1.67
CA HIS B 428 -3.87 7.11 -0.77
C HIS B 428 -3.58 7.77 0.57
N ARG B 429 -4.59 8.46 1.05
CA ARG B 429 -4.54 9.02 2.41
C ARG B 429 -5.86 8.90 3.11
N ARG B 430 -5.82 9.06 4.42
CA ARG B 430 -7.01 8.80 5.23
C ARG B 430 -7.76 10.04 5.70
N ASP B 431 -7.27 11.21 5.40
CA ASP B 431 -8.02 12.50 5.63
C ASP B 431 -8.86 12.86 4.34
N ALA B 432 -9.47 14.06 4.30
CA ALA B 432 -10.54 14.39 3.29
C ALA B 432 -10.11 15.50 2.31
N ALA B 433 -9.26 16.40 2.74
CA ALA B 433 -8.89 17.57 1.97
C ALA B 433 -8.02 17.23 0.70
N LEU B 434 -8.58 17.56 -0.47
CA LEU B 434 -7.89 17.37 -1.70
C LEU B 434 -6.46 17.93 -1.94
N PRO B 435 -6.14 19.21 -1.58
CA PRO B 435 -4.84 19.71 -1.81
C PRO B 435 -3.79 18.85 -1.16
N GLY B 436 -4.05 18.29 0.01
CA GLY B 436 -3.05 17.40 0.54
C GLY B 436 -2.79 16.11 -0.19
N LEU B 437 -3.84 15.55 -0.78
CA LEU B 437 -3.62 14.42 -1.68
C LEU B 437 -2.81 14.78 -2.90
N LEU B 438 -3.14 15.91 -3.56
CA LEU B 438 -2.36 16.37 -4.70
C LEU B 438 -0.89 16.54 -4.42
N ARG B 439 -0.60 17.20 -3.27
CA ARG B 439 0.78 17.33 -2.81
C ARG B 439 1.49 16.01 -2.66
N GLN B 440 0.86 15.01 -2.02
CA GLN B 440 1.37 13.67 -1.85
C GLN B 440 1.64 12.92 -3.14
N ALA B 441 0.74 13.10 -4.12
CA ALA B 441 0.84 12.55 -5.40
C ALA B 441 2.07 13.16 -6.07
N ALA B 442 2.23 14.48 -6.00
CA ALA B 442 3.31 15.14 -6.66
C ALA B 442 4.66 14.65 -6.14
N THR B 443 4.72 14.49 -4.83
CA THR B 443 5.97 14.12 -4.20
C THR B 443 6.33 12.67 -4.55
N ALA B 444 5.30 11.81 -4.62
CA ALA B 444 5.55 10.48 -5.16
C ALA B 444 6.04 10.47 -6.59
N LEU B 445 5.46 11.24 -7.49
CA LEU B 445 5.98 11.25 -8.78
C LEU B 445 7.37 11.81 -8.99
N SER B 446 7.74 12.81 -8.22
CA SER B 446 9.13 13.34 -8.12
C SER B 446 10.17 12.33 -7.71
N GLU B 447 9.73 11.21 -7.05
CA GLU B 447 10.62 10.08 -6.76
C GLU B 447 10.71 9.01 -7.75
N PHE B 448 9.94 9.10 -8.85
CA PHE B 448 9.92 8.12 -9.94
C PHE B 448 11.16 8.37 -10.87
N GLN B 449 12.15 7.51 -10.73
CA GLN B 449 13.43 7.59 -11.53
C GLN B 449 13.28 6.73 -12.74
N ILE B 450 13.17 7.38 -13.91
CA ILE B 450 13.16 6.70 -15.19
C ILE B 450 14.29 7.28 -16.09
N ALA B 451 15.17 6.44 -16.59
CA ALA B 451 16.16 6.89 -17.65
C ALA B 451 16.08 5.98 -18.87
N GLY B 452 16.30 6.57 -20.06
CA GLY B 452 16.35 5.78 -21.34
C GLY B 452 15.19 6.06 -22.27
N VAL B 453 14.03 6.43 -21.71
CA VAL B 453 12.85 6.82 -22.45
C VAL B 453 12.31 8.12 -21.90
N SER B 454 11.56 8.82 -22.75
CA SER B 454 10.89 10.05 -22.36
C SER B 454 9.52 9.69 -21.78
N THR B 455 9.14 10.42 -20.72
CA THR B 455 7.83 10.26 -20.06
C THR B 455 7.07 11.57 -19.84
N ASN B 456 5.85 11.38 -19.36
CA ASN B 456 4.92 12.47 -19.04
C ASN B 456 4.98 12.88 -17.57
N LEU B 457 6.01 12.39 -16.86
CA LEU B 457 6.18 12.79 -15.47
C LEU B 457 6.13 14.27 -15.10
N ALA B 458 6.87 15.14 -15.81
CA ALA B 458 6.78 16.56 -15.52
C ALA B 458 5.43 17.12 -15.84
N PHE B 459 4.82 16.66 -16.92
CA PHE B 459 3.47 17.08 -17.25
C PHE B 459 2.39 16.74 -16.18
N LEU B 460 2.51 15.53 -15.66
CA LEU B 460 1.70 15.09 -14.60
C LEU B 460 1.88 16.03 -13.37
N GLN B 461 3.11 16.38 -13.08
CA GLN B 461 3.35 17.35 -12.02
C GLN B 461 2.70 18.69 -12.20
N ALA B 462 2.77 19.26 -13.41
CA ALA B 462 2.08 20.55 -13.70
C ALA B 462 0.54 20.47 -13.43
N LEU B 463 -0.08 19.32 -13.85
CA LEU B 463 -1.50 19.00 -13.51
C LEU B 463 -1.70 19.09 -12.03
N LEU B 464 -0.83 18.44 -11.28
CA LEU B 464 -1.15 18.24 -9.84
C LEU B 464 -1.04 19.56 -9.08
N HIS B 465 -0.20 20.44 -9.56
CA HIS B 465 0.04 21.76 -8.93
C HIS B 465 -0.92 22.82 -9.47
N HIS B 466 -1.66 22.58 -10.54
CA HIS B 466 -2.55 23.62 -11.05
C HIS B 466 -3.74 23.95 -10.13
N PRO B 467 -3.96 25.22 -9.87
CA PRO B 467 -5.01 25.71 -8.98
C PRO B 467 -6.39 25.21 -9.32
N ASP B 468 -6.74 25.11 -10.61
CA ASP B 468 -7.98 24.53 -10.95
C ASP B 468 -8.12 23.06 -10.55
N VAL B 469 -7.00 22.30 -10.60
CA VAL B 469 -7.06 20.92 -10.14
C VAL B 469 -7.18 20.91 -8.56
N GLN B 470 -6.41 21.77 -7.92
CA GLN B 470 -6.49 21.97 -6.47
C GLN B 470 -7.89 22.33 -5.93
N HIS B 471 -8.65 23.07 -6.74
CA HIS B 471 -10.06 23.32 -6.45
C HIS B 471 -11.16 22.41 -7.12
N TYR B 472 -10.67 21.48 -7.94
CA TYR B 472 -11.45 20.63 -8.77
C TYR B 472 -12.49 21.45 -9.57
N GLU B 473 -12.08 22.60 -10.06
CA GLU B 473 -12.88 23.43 -11.01
C GLU B 473 -12.55 22.98 -12.44
N LEU B 474 -13.04 21.76 -12.80
CA LEU B 474 -12.63 21.08 -14.05
C LEU B 474 -13.89 20.62 -14.80
N SER B 475 -13.62 20.30 -16.07
CA SER B 475 -14.52 19.63 -16.96
C SER B 475 -13.70 18.77 -17.91
N THR B 476 -14.39 18.04 -18.74
CA THR B 476 -13.75 17.08 -19.64
C THR B 476 -12.97 17.73 -20.82
N HIS B 477 -13.18 19.03 -21.03
CA HIS B 477 -12.50 19.85 -22.00
C HIS B 477 -11.44 20.81 -21.43
N TRP B 478 -11.21 20.72 -20.12
CA TRP B 478 -10.35 21.61 -19.39
C TRP B 478 -8.92 21.52 -19.86
N LEU B 479 -8.34 20.32 -19.92
CA LEU B 479 -6.95 20.13 -20.26
C LEU B 479 -6.66 20.54 -21.67
N ASP B 480 -7.51 20.07 -22.58
CA ASP B 480 -7.31 20.39 -23.97
C ASP B 480 -7.26 21.89 -24.24
N GLU B 481 -8.11 22.63 -23.61
CA GLU B 481 -8.13 24.11 -23.70
C GLU B 481 -6.92 24.85 -23.20
N ARG B 482 -6.26 24.27 -22.19
CA ARG B 482 -5.08 24.76 -21.52
C ARG B 482 -3.75 24.08 -21.85
N LEU B 483 -3.69 23.32 -22.94
CA LEU B 483 -2.52 22.45 -23.22
C LEU B 483 -1.18 23.21 -23.31
N PRO B 484 -1.10 24.31 -24.09
CA PRO B 484 0.08 25.21 -24.11
C PRO B 484 0.52 25.72 -22.72
N GLU B 485 -0.43 26.19 -21.92
CA GLU B 485 -0.11 26.59 -20.54
C GLU B 485 0.58 25.47 -19.77
N LEU B 486 -0.05 24.30 -19.83
CA LEU B 486 0.37 23.18 -19.03
C LEU B 486 1.74 22.66 -19.50
N VAL B 487 1.98 22.79 -20.81
CA VAL B 487 3.21 22.26 -21.44
C VAL B 487 4.34 23.21 -21.02
N THR B 488 4.08 24.53 -21.02
CA THR B 488 4.97 25.55 -20.43
C THR B 488 5.32 25.23 -19.01
N GLN B 489 4.27 25.11 -18.19
CA GLN B 489 4.41 24.73 -16.78
C GLN B 489 5.22 23.48 -16.47
N ALA B 490 5.03 22.42 -17.28
CA ALA B 490 5.69 21.16 -17.11
C ALA B 490 7.18 21.33 -17.19
N ALA B 491 7.62 22.31 -17.96
CA ALA B 491 9.04 22.50 -18.18
C ALA B 491 9.82 22.78 -16.87
N GLU B 492 9.13 23.31 -15.86
CA GLU B 492 9.68 23.53 -14.50
C GLU B 492 9.99 22.29 -13.68
N TYR B 493 9.42 21.16 -14.07
CA TYR B 493 9.57 19.90 -13.35
C TYR B 493 10.59 18.92 -13.95
N ASP B 494 11.11 19.24 -15.15
CA ASP B 494 12.34 18.62 -15.69
C ASP B 494 13.43 19.66 -15.84
#